data_6ZHF
#
_entry.id   6ZHF
#
_cell.length_a   69.050
_cell.length_b   143.857
_cell.length_c   153.856
_cell.angle_alpha   90.000
_cell.angle_beta   90.000
_cell.angle_gamma   90.000
#
_symmetry.space_group_name_H-M   'P 21 21 2'
#
loop_
_entity.id
_entity.type
_entity.pdbx_description
1 polymer 'Calcium-transporting ATPase'
2 non-polymer 'MAGNESIUM ION'
3 non-polymer 'BERYLLIUM TRIFLUORIDE ION'
4 water water
#
_entity_poly.entity_id   1
_entity_poly.type   'polypeptide(L)'
_entity_poly.pdbx_seq_one_letter_code
;MAEIYRKSAAETFTQLEATEKGLTTSEVTKRQEKYGFNELKNKKKDPLWKLFLETFKDPMVIVLVIAALVQLVLGEVVES
LIIFLVLIVNSIISVVQTRKAESSLDALREMSAPVAKVIRDGSKQSIHARELVPGDVVILDAGDFVPADGRLFESGSLKI
DEGMLTGESEAVEKYIDTIPDEVGLGDRVNMVFSGSLVVYGRGMFVVTGTASETEIGKIAGLLETAEAKQTPLQRKLESF
SKKLGLGILALCVLIFAVEAGRVLLGDNSADMATAILNAFMFAVAVAVAAIPEALSSIVTIVLAVGTNKMAKQHAIIRKL
PAVETLGSTSVICTDKTGTLTQNKMTVVDYYLPDGTKENFPESPENWSEGERRLIHIAVLCNDSNINSEGKELGDPTEVA
LIAFSNKNNQDYNEIREKFIREGEIPFDSDRKLMSTLHTFNENKAMLTKGGPDVMFARCSYVFLDGEEKPMTEEILAKLK
ETNEEFSNQALRVLAYGYKRMPADTTELKLEDEQDIVLVGLTAMIDPPREAVYASIEESKKAGIRTVMITGDHKTTAQAI
GRDIGLMDADDIALTGQELDAMPEEELDKKLEHIAVYARVSPENKIRIVKAWQKKGKITAMTGDGVNDAPALKQADIGVA
MGSGTDVAKDSAAMILTDDNFVSIVDAVGVGRTVFDNIKKSIAYLFAGNLGAIIAILFALVLDWINPFTALQLLFINLVN
DSLPAIALGMEKAEPDVMKRKPRDINEGIFAGGTMRAVISRGVLIGIAVIISQYIGMQISPEMSVAMAFTTLILARTLQT
FAARSNVQTAFGAGFFSNKYVIGAVLLCFVLYGITVLPGAREIFSIPASFGLHEWSIAAGLALAAVVMMEIIKVVQNKFF
KDYDIPTTENLYFQ
;
_entity_poly.pdbx_strand_id   A
#
loop_
_chem_comp.id
_chem_comp.type
_chem_comp.name
_chem_comp.formula
BEF non-polymer 'BERYLLIUM TRIFLUORIDE ION' 'Be F3 -1'
MG non-polymer 'MAGNESIUM ION' 'Mg 2'
#
# COMPACT_ATOMS: atom_id res chain seq x y z
N ALA A 2 -5.41 26.53 -11.90
CA ALA A 2 -6.40 27.25 -12.70
C ALA A 2 -5.99 28.71 -12.89
N GLU A 3 -5.09 29.17 -12.05
CA GLU A 3 -4.58 30.54 -12.06
C GLU A 3 -5.66 31.57 -11.76
N ILE A 4 -6.86 31.13 -11.38
CA ILE A 4 -7.92 32.07 -11.05
C ILE A 4 -7.65 32.75 -9.71
N TYR A 5 -7.01 32.04 -8.77
CA TYR A 5 -6.64 32.65 -7.50
C TYR A 5 -5.62 33.76 -7.70
N ARG A 6 -4.86 33.72 -8.80
CA ARG A 6 -3.99 34.81 -9.18
C ARG A 6 -4.74 35.98 -9.80
N LYS A 7 -5.99 35.75 -10.21
CA LYS A 7 -6.82 36.76 -10.85
C LYS A 7 -7.65 37.51 -9.80
N SER A 8 -8.36 38.53 -10.25
CA SER A 8 -9.18 39.35 -9.36
C SER A 8 -10.59 38.79 -9.26
N ALA A 9 -11.38 39.38 -8.36
CA ALA A 9 -12.73 38.90 -8.08
C ALA A 9 -13.68 39.15 -9.23
N ALA A 10 -14.18 40.38 -9.37
CA ALA A 10 -15.10 40.71 -10.45
C ALA A 10 -14.45 40.55 -11.82
N GLU A 11 -13.11 40.55 -11.89
CA GLU A 11 -12.42 40.34 -13.15
C GLU A 11 -12.65 38.93 -13.70
N THR A 12 -12.98 37.97 -12.84
CA THR A 12 -13.13 36.59 -13.29
C THR A 12 -14.43 36.40 -14.10
N PHE A 13 -15.49 37.13 -13.75
CA PHE A 13 -16.76 36.93 -14.43
C PHE A 13 -16.70 37.39 -15.88
N THR A 14 -15.81 38.32 -16.21
CA THR A 14 -15.69 38.77 -17.59
C THR A 14 -15.05 37.70 -18.48
N GLN A 15 -14.04 36.99 -17.96
CA GLN A 15 -13.44 35.91 -18.72
C GLN A 15 -14.36 34.70 -18.82
N LEU A 16 -15.21 34.49 -17.81
CA LEU A 16 -16.28 33.50 -17.93
C LEU A 16 -17.41 33.97 -18.84
N GLU A 17 -17.39 35.25 -19.22
CA GLU A 17 -18.41 35.91 -20.06
C GLU A 17 -19.85 35.61 -19.61
N ALA A 18 -20.01 35.16 -18.38
CA ALA A 18 -21.33 34.90 -17.80
C ALA A 18 -21.57 35.86 -16.65
N THR A 19 -22.82 36.32 -16.52
CA THR A 19 -23.17 37.29 -15.50
C THR A 19 -23.25 36.62 -14.13
N GLU A 20 -22.81 37.37 -13.10
CA GLU A 20 -22.87 36.86 -11.74
C GLU A 20 -24.27 36.88 -11.15
N LYS A 21 -25.20 37.59 -11.79
CA LYS A 21 -26.55 37.72 -11.24
C LYS A 21 -27.47 36.60 -11.66
N GLY A 22 -27.46 36.22 -12.94
CA GLY A 22 -28.37 35.21 -13.43
C GLY A 22 -27.82 34.52 -14.66
N LEU A 23 -28.22 33.26 -14.83
CA LEU A 23 -27.87 32.46 -16.00
C LEU A 23 -29.14 32.01 -16.68
N THR A 24 -29.32 32.42 -17.94
CA THR A 24 -30.54 32.08 -18.67
C THR A 24 -30.60 30.57 -18.92
N THR A 25 -31.79 30.11 -19.32
CA THR A 25 -31.94 28.72 -19.70
C THR A 25 -31.13 28.42 -20.97
N SER A 26 -30.99 29.41 -21.85
CA SER A 26 -30.17 29.24 -23.04
C SER A 26 -28.69 29.11 -22.68
N GLU A 27 -28.25 29.78 -21.62
CA GLU A 27 -26.88 29.58 -21.15
C GLU A 27 -26.67 28.14 -20.70
N VAL A 28 -27.64 27.58 -19.98
CA VAL A 28 -27.53 26.18 -19.56
C VAL A 28 -27.42 25.27 -20.79
N THR A 29 -28.33 25.45 -21.75
CA THR A 29 -28.28 24.65 -22.98
C THR A 29 -26.93 24.77 -23.68
N LYS A 30 -26.54 26.01 -24.01
CA LYS A 30 -25.32 26.26 -24.77
C LYS A 30 -24.09 25.72 -24.05
N ARG A 31 -23.95 26.05 -22.76
CA ARG A 31 -22.76 25.67 -22.03
C ARG A 31 -22.71 24.16 -21.76
N GLN A 32 -23.87 23.51 -21.61
CA GLN A 32 -23.88 22.07 -21.47
C GLN A 32 -23.48 21.38 -22.78
N GLU A 33 -23.74 22.03 -23.91
CA GLU A 33 -23.38 21.41 -25.18
C GLU A 33 -21.87 21.28 -25.37
N LYS A 34 -21.09 22.24 -24.89
CA LYS A 34 -19.64 22.21 -25.09
C LYS A 34 -18.84 21.79 -23.86
N TYR A 35 -19.34 22.04 -22.66
CA TYR A 35 -18.65 21.62 -21.45
C TYR A 35 -19.17 20.31 -20.88
N GLY A 36 -20.29 19.80 -21.39
CA GLY A 36 -20.84 18.56 -20.88
C GLY A 36 -21.42 18.73 -19.49
N PHE A 37 -21.78 17.59 -18.91
CA PHE A 37 -22.37 17.57 -17.57
C PHE A 37 -21.26 17.65 -16.51
N ASN A 38 -21.69 17.60 -15.26
CA ASN A 38 -20.80 17.64 -14.10
C ASN A 38 -20.72 16.23 -13.50
N GLU A 39 -20.14 15.32 -14.28
CA GLU A 39 -20.19 13.90 -13.97
C GLU A 39 -18.90 13.24 -14.42
N LEU A 40 -18.53 12.16 -13.73
CA LEU A 40 -17.38 11.34 -14.09
C LEU A 40 -17.85 9.89 -14.25
N LYS A 41 -17.45 9.25 -15.35
CA LYS A 41 -17.75 7.84 -15.57
C LYS A 41 -16.46 7.12 -15.94
N ASN A 42 -16.27 5.93 -15.35
CA ASN A 42 -15.05 5.18 -15.57
C ASN A 42 -14.94 4.73 -17.02
N LYS A 43 -13.79 4.98 -17.63
CA LYS A 43 -13.52 4.54 -19.00
C LYS A 43 -12.73 3.24 -18.97
N LYS A 44 -13.43 2.18 -18.58
CA LYS A 44 -12.87 0.84 -18.49
C LYS A 44 -13.72 -0.10 -19.32
N LYS A 45 -13.15 -0.62 -20.41
CA LYS A 45 -13.87 -1.59 -21.24
C LYS A 45 -14.14 -2.88 -20.49
N ASP A 46 -13.17 -3.33 -19.68
CA ASP A 46 -13.16 -4.62 -18.99
C ASP A 46 -13.75 -5.74 -19.85
N PRO A 47 -13.24 -5.93 -21.08
CA PRO A 47 -13.82 -6.96 -21.95
C PRO A 47 -13.47 -8.38 -21.52
N LEU A 48 -12.34 -8.52 -20.84
CA LEU A 48 -11.76 -9.79 -20.36
C LEU A 48 -11.27 -10.67 -21.50
N TRP A 49 -11.43 -10.26 -22.75
CA TRP A 49 -10.84 -11.00 -23.87
C TRP A 49 -9.32 -10.89 -23.83
N LYS A 50 -8.81 -9.66 -23.68
CA LYS A 50 -7.37 -9.46 -23.53
C LYS A 50 -6.83 -10.27 -22.35
N LEU A 51 -7.53 -10.21 -21.22
CA LEU A 51 -7.06 -10.89 -20.01
C LEU A 51 -6.93 -12.39 -20.23
N PHE A 52 -7.88 -12.99 -20.93
CA PHE A 52 -7.73 -14.39 -21.32
C PHE A 52 -6.55 -14.58 -22.25
N LEU A 53 -6.35 -13.62 -23.18
CA LEU A 53 -5.24 -13.74 -24.11
C LEU A 53 -3.91 -13.34 -23.47
N GLU A 54 -3.93 -12.35 -22.56
CA GLU A 54 -2.69 -11.88 -21.93
C GLU A 54 -1.98 -12.96 -21.13
N THR A 55 -2.64 -14.10 -20.85
CA THR A 55 -1.95 -15.21 -20.23
C THR A 55 -1.09 -15.97 -21.23
N PHE A 56 -1.34 -15.81 -22.54
CA PHE A 56 -0.48 -16.36 -23.56
C PHE A 56 0.73 -15.48 -23.86
N LYS A 57 0.73 -14.24 -23.37
CA LYS A 57 1.93 -13.41 -23.40
C LYS A 57 3.03 -14.00 -22.55
N ASP A 58 2.70 -14.86 -21.60
CA ASP A 58 3.71 -15.54 -20.79
C ASP A 58 4.33 -16.67 -21.59
N PRO A 59 5.67 -16.73 -21.70
CA PRO A 59 6.29 -17.84 -22.45
C PRO A 59 6.07 -19.21 -21.83
N MET A 60 5.78 -19.29 -20.53
CA MET A 60 5.57 -20.58 -19.89
C MET A 60 4.35 -21.30 -20.44
N VAL A 61 3.37 -20.54 -20.94
CA VAL A 61 2.11 -21.13 -21.41
C VAL A 61 2.17 -21.51 -22.88
N ILE A 62 2.92 -20.73 -23.68
CA ILE A 62 3.02 -20.99 -25.12
C ILE A 62 3.58 -22.40 -25.36
N VAL A 63 4.65 -22.75 -24.64
CA VAL A 63 5.28 -24.05 -24.84
C VAL A 63 4.31 -25.17 -24.51
N LEU A 64 3.52 -25.01 -23.44
CA LEU A 64 2.58 -26.05 -23.06
C LEU A 64 1.45 -26.19 -24.08
N VAL A 65 1.01 -25.08 -24.68
CA VAL A 65 -0.01 -25.18 -25.73
C VAL A 65 0.53 -25.97 -26.91
N ILE A 66 1.76 -25.66 -27.34
CA ILE A 66 2.37 -26.41 -28.44
C ILE A 66 2.50 -27.88 -28.08
N ALA A 67 2.95 -28.17 -26.85
CA ALA A 67 3.18 -29.54 -26.43
C ALA A 67 1.87 -30.32 -26.36
N ALA A 68 0.81 -29.71 -25.84
CA ALA A 68 -0.48 -30.39 -25.77
C ALA A 68 -1.08 -30.61 -27.15
N LEU A 69 -0.91 -29.63 -28.05
CA LEU A 69 -1.40 -29.82 -29.42
C LEU A 69 -0.68 -30.97 -30.11
N VAL A 70 0.64 -31.05 -29.95
CA VAL A 70 1.37 -32.19 -30.50
C VAL A 70 0.95 -33.49 -29.81
N GLN A 71 0.66 -33.42 -28.51
CA GLN A 71 0.21 -34.60 -27.77
C GLN A 71 -1.09 -35.14 -28.34
N LEU A 72 -1.95 -34.26 -28.83
CA LEU A 72 -3.25 -34.68 -29.36
C LEU A 72 -3.10 -35.59 -30.57
N VAL A 73 -2.35 -35.14 -31.58
CA VAL A 73 -2.17 -35.93 -32.80
C VAL A 73 -1.33 -37.18 -32.59
N LEU A 74 -0.65 -37.30 -31.46
CA LEU A 74 0.12 -38.49 -31.13
C LEU A 74 -0.72 -39.58 -30.47
N GLY A 75 -2.04 -39.48 -30.54
CA GLY A 75 -2.91 -40.43 -29.86
C GLY A 75 -2.87 -40.35 -28.36
N GLU A 76 -2.25 -39.32 -27.79
CA GLU A 76 -2.08 -39.18 -26.34
C GLU A 76 -3.08 -38.15 -25.83
N VAL A 77 -4.35 -38.59 -25.74
CA VAL A 77 -5.43 -37.68 -25.42
C VAL A 77 -5.42 -37.32 -23.94
N VAL A 78 -5.21 -38.30 -23.07
CA VAL A 78 -5.31 -38.07 -21.62
C VAL A 78 -4.26 -37.06 -21.16
N GLU A 79 -3.00 -37.36 -21.44
CA GLU A 79 -1.89 -36.52 -21.03
C GLU A 79 -1.89 -35.15 -21.70
N SER A 80 -2.78 -34.93 -22.67
CA SER A 80 -2.96 -33.60 -23.27
C SER A 80 -4.07 -32.82 -22.58
N LEU A 81 -5.16 -33.50 -22.24
CA LEU A 81 -6.25 -32.86 -21.52
C LEU A 81 -5.81 -32.41 -20.14
N ILE A 82 -4.87 -33.13 -19.52
CA ILE A 82 -4.35 -32.66 -18.23
C ILE A 82 -3.62 -31.32 -18.40
N ILE A 83 -2.86 -31.19 -19.48
CA ILE A 83 -2.16 -29.93 -19.74
C ILE A 83 -3.17 -28.80 -19.97
N PHE A 84 -4.23 -29.08 -20.73
CA PHE A 84 -5.24 -28.04 -20.95
C PHE A 84 -5.92 -27.65 -19.64
N LEU A 85 -6.17 -28.63 -18.77
CA LEU A 85 -6.71 -28.36 -17.45
C LEU A 85 -5.82 -27.39 -16.68
N VAL A 86 -4.53 -27.72 -16.54
CA VAL A 86 -3.68 -26.90 -15.70
C VAL A 86 -3.40 -25.55 -16.35
N LEU A 87 -3.45 -25.47 -17.68
CA LEU A 87 -3.29 -24.17 -18.32
C LEU A 87 -4.47 -23.25 -18.01
N ILE A 88 -5.70 -23.80 -18.03
CA ILE A 88 -6.84 -22.98 -17.62
C ILE A 88 -6.74 -22.61 -16.14
N VAL A 89 -6.22 -23.51 -15.30
CA VAL A 89 -6.03 -23.19 -13.88
C VAL A 89 -5.10 -21.99 -13.71
N ASN A 90 -3.91 -22.07 -14.33
CA ASN A 90 -2.94 -20.99 -14.24
C ASN A 90 -3.47 -19.70 -14.86
N SER A 91 -4.38 -19.81 -15.84
CA SER A 91 -4.97 -18.61 -16.42
C SER A 91 -5.95 -17.95 -15.46
N ILE A 92 -6.84 -18.76 -14.87
CA ILE A 92 -7.87 -18.25 -13.97
C ILE A 92 -7.25 -17.58 -12.76
N ILE A 93 -6.10 -18.08 -12.31
CA ILE A 93 -5.40 -17.40 -11.21
C ILE A 93 -5.11 -15.95 -11.59
N SER A 94 -4.33 -15.76 -12.66
CA SER A 94 -3.75 -14.46 -12.98
C SER A 94 -4.78 -13.46 -13.51
N VAL A 95 -5.90 -13.92 -14.06
CA VAL A 95 -6.89 -12.94 -14.56
C VAL A 95 -7.59 -12.23 -13.39
N VAL A 96 -8.14 -13.00 -12.46
CA VAL A 96 -8.81 -12.39 -11.31
C VAL A 96 -7.82 -11.86 -10.29
N GLN A 97 -6.51 -12.13 -10.47
CA GLN A 97 -5.55 -11.47 -9.59
C GLN A 97 -5.49 -9.96 -9.81
N THR A 98 -5.80 -9.49 -11.03
CA THR A 98 -5.81 -8.07 -11.30
C THR A 98 -7.20 -7.51 -11.60
N ARG A 99 -8.22 -8.37 -11.76
CA ARG A 99 -9.58 -7.83 -11.86
C ARG A 99 -9.93 -6.98 -10.64
N LYS A 100 -9.72 -7.54 -9.44
CA LYS A 100 -10.00 -6.79 -8.21
C LYS A 100 -9.04 -5.63 -8.00
N ALA A 101 -7.88 -5.65 -8.64
CA ALA A 101 -6.91 -4.55 -8.54
C ALA A 101 -7.32 -3.41 -9.47
N GLU A 102 -8.51 -2.85 -9.19
CA GLU A 102 -9.07 -1.78 -9.99
C GLU A 102 -9.61 -0.70 -9.05
N SER A 103 -9.30 0.55 -9.34
CA SER A 103 -9.70 1.65 -8.48
C SER A 103 -11.22 1.81 -8.47
N SER A 104 -11.80 1.81 -7.28
CA SER A 104 -13.25 1.94 -7.12
C SER A 104 -13.64 3.39 -7.37
N LEU A 105 -13.92 3.72 -8.64
CA LEU A 105 -14.40 5.06 -8.96
C LEU A 105 -15.80 5.30 -8.44
N ASP A 106 -16.52 4.25 -8.05
CA ASP A 106 -17.79 4.40 -7.36
C ASP A 106 -17.59 5.03 -5.98
N ALA A 107 -16.53 4.61 -5.28
CA ALA A 107 -16.24 5.17 -3.96
C ALA A 107 -16.01 6.67 -4.04
N LEU A 108 -15.29 7.12 -5.07
CA LEU A 108 -15.11 8.56 -5.25
C LEU A 108 -16.37 9.21 -5.80
N ARG A 109 -17.19 8.46 -6.53
CA ARG A 109 -18.45 9.00 -7.05
C ARG A 109 -19.40 9.37 -5.92
N GLU A 110 -19.33 8.64 -4.80
CA GLU A 110 -20.23 8.94 -3.68
C GLU A 110 -20.06 10.36 -3.12
N MET A 111 -18.90 10.99 -3.36
CA MET A 111 -18.64 12.36 -2.91
C MET A 111 -19.11 13.41 -3.91
N SER A 112 -20.00 13.04 -4.84
CA SER A 112 -20.47 14.00 -5.84
C SER A 112 -21.17 15.19 -5.18
N ALA A 113 -21.94 14.92 -4.13
CA ALA A 113 -22.58 15.94 -3.31
C ALA A 113 -23.53 16.80 -4.14
N PRO A 114 -24.63 16.23 -4.62
CA PRO A 114 -25.50 16.98 -5.54
C PRO A 114 -26.53 17.86 -4.85
N VAL A 115 -27.52 18.30 -5.60
CA VAL A 115 -28.61 19.15 -5.12
C VAL A 115 -28.02 20.39 -4.46
N ALA A 116 -27.38 21.24 -5.27
CA ALA A 116 -26.77 22.46 -4.79
C ALA A 116 -27.59 23.67 -5.20
N LYS A 117 -27.71 24.64 -4.30
CA LYS A 117 -28.52 25.83 -4.54
C LYS A 117 -27.85 26.70 -5.60
N VAL A 118 -28.62 27.09 -6.62
CA VAL A 118 -28.09 27.77 -7.80
C VAL A 118 -29.09 28.85 -8.23
N ILE A 119 -28.57 29.98 -8.70
CA ILE A 119 -29.41 31.08 -9.15
C ILE A 119 -29.59 30.95 -10.67
N ARG A 120 -30.75 30.44 -11.09
CA ARG A 120 -31.06 30.22 -12.50
C ARG A 120 -32.20 31.14 -12.91
N ASP A 121 -32.02 31.82 -14.04
CA ASP A 121 -33.01 32.75 -14.61
C ASP A 121 -33.37 33.87 -13.63
N GLY A 122 -32.46 34.21 -12.71
CA GLY A 122 -32.75 35.20 -11.69
C GLY A 122 -33.51 34.67 -10.50
N SER A 123 -34.00 33.44 -10.53
CA SER A 123 -34.71 32.83 -9.41
C SER A 123 -33.78 31.84 -8.71
N LYS A 124 -33.81 31.87 -7.38
CA LYS A 124 -33.03 30.91 -6.61
C LYS A 124 -33.71 29.54 -6.69
N GLN A 125 -32.98 28.54 -7.17
CA GLN A 125 -33.51 27.22 -7.43
C GLN A 125 -32.51 26.20 -6.91
N SER A 126 -32.79 24.92 -7.12
CA SER A 126 -31.92 23.85 -6.67
C SER A 126 -32.00 22.70 -7.64
N ILE A 127 -30.84 22.23 -8.11
CA ILE A 127 -30.76 21.10 -9.04
C ILE A 127 -29.60 20.21 -8.63
N HIS A 128 -29.49 19.07 -9.31
CA HIS A 128 -28.40 18.14 -9.06
C HIS A 128 -27.06 18.78 -9.40
N ALA A 129 -25.99 18.15 -8.93
CA ALA A 129 -24.65 18.63 -9.27
C ALA A 129 -24.36 18.43 -10.75
N ARG A 130 -24.83 17.33 -11.34
CA ARG A 130 -24.47 16.97 -12.71
C ARG A 130 -24.88 18.05 -13.71
N GLU A 131 -25.95 18.79 -13.43
CA GLU A 131 -26.44 19.81 -14.35
C GLU A 131 -25.81 21.17 -14.12
N LEU A 132 -24.57 21.22 -13.64
CA LEU A 132 -23.85 22.46 -13.39
C LEU A 132 -22.76 22.66 -14.44
N VAL A 133 -22.58 23.91 -14.84
CA VAL A 133 -21.61 24.27 -15.88
C VAL A 133 -20.96 25.60 -15.51
N PRO A 134 -19.66 25.79 -15.89
CA PRO A 134 -18.99 27.07 -15.68
C PRO A 134 -19.80 28.33 -15.95
N GLY A 135 -19.52 29.39 -15.20
CA GLY A 135 -20.24 30.63 -15.30
C GLY A 135 -21.47 30.73 -14.41
N ASP A 136 -21.98 29.61 -13.91
CA ASP A 136 -23.17 29.63 -13.08
C ASP A 136 -22.85 30.10 -11.67
N VAL A 137 -23.89 30.53 -10.96
CA VAL A 137 -23.78 31.12 -9.64
C VAL A 137 -24.34 30.12 -8.64
N VAL A 138 -23.49 29.62 -7.74
CA VAL A 138 -23.91 28.61 -6.78
C VAL A 138 -23.82 29.18 -5.37
N ILE A 139 -24.77 28.78 -4.53
CA ILE A 139 -24.92 29.26 -3.16
C ILE A 139 -24.40 28.19 -2.21
N LEU A 140 -23.66 28.62 -1.19
CA LEU A 140 -23.13 27.72 -0.18
C LEU A 140 -23.59 28.17 1.20
N ASP A 141 -24.20 27.24 1.94
CA ASP A 141 -24.57 27.43 3.34
C ASP A 141 -23.96 26.29 4.15
N ALA A 142 -23.51 26.61 5.36
CA ALA A 142 -22.81 25.65 6.20
C ALA A 142 -23.62 24.38 6.38
N GLY A 143 -22.99 23.23 6.13
CA GLY A 143 -23.62 21.94 6.27
C GLY A 143 -23.73 21.14 4.99
N ASP A 144 -23.79 21.80 3.83
CA ASP A 144 -23.80 21.12 2.56
C ASP A 144 -22.39 21.05 1.98
N PHE A 145 -22.20 20.17 1.01
CA PHE A 145 -20.92 20.10 0.33
C PHE A 145 -20.90 21.03 -0.88
N VAL A 146 -19.71 21.19 -1.45
CA VAL A 146 -19.53 22.03 -2.63
C VAL A 146 -19.67 21.15 -3.88
N PRO A 147 -20.50 21.54 -4.85
CA PRO A 147 -20.63 20.70 -6.06
C PRO A 147 -19.38 20.71 -6.92
N ALA A 148 -18.77 21.88 -7.13
CA ALA A 148 -17.58 21.97 -7.97
C ALA A 148 -16.76 23.19 -7.54
N ASP A 149 -15.50 23.20 -7.99
CA ASP A 149 -14.55 24.22 -7.58
C ASP A 149 -14.83 25.56 -8.24
N GLY A 150 -14.47 26.64 -7.56
CA GLY A 150 -14.66 27.96 -8.13
C GLY A 150 -14.24 29.05 -7.17
N ARG A 151 -14.42 30.28 -7.64
CA ARG A 151 -13.98 31.48 -6.93
C ARG A 151 -15.19 32.19 -6.32
N LEU A 152 -15.08 32.56 -5.04
CA LEU A 152 -16.18 33.18 -4.33
C LEU A 152 -16.15 34.70 -4.49
N PHE A 153 -17.26 35.27 -4.95
CA PHE A 153 -17.40 36.71 -5.09
C PHE A 153 -18.17 37.32 -3.93
N GLU A 154 -18.47 36.53 -2.90
CA GLU A 154 -19.10 37.05 -1.68
C GLU A 154 -18.87 36.03 -0.57
N SER A 155 -18.06 36.42 0.42
CA SER A 155 -17.70 35.58 1.56
C SER A 155 -18.54 35.99 2.75
N GLY A 156 -19.48 35.12 3.17
CA GLY A 156 -20.13 35.32 4.44
C GLY A 156 -19.37 34.59 5.52
N SER A 157 -18.09 34.94 5.66
CA SER A 157 -17.22 34.44 6.73
C SER A 157 -17.16 32.91 6.76
N LEU A 158 -17.31 32.31 5.59
CA LEU A 158 -17.43 30.86 5.51
C LEU A 158 -16.07 30.18 5.66
N LYS A 159 -16.07 29.05 6.37
CA LYS A 159 -14.90 28.22 6.54
C LYS A 159 -15.21 26.84 5.99
N ILE A 160 -14.32 26.35 5.13
CA ILE A 160 -14.50 25.06 4.46
C ILE A 160 -13.40 24.10 4.96
N ASP A 161 -13.64 22.81 4.75
CA ASP A 161 -12.72 21.76 5.16
C ASP A 161 -12.20 21.07 3.90
N GLU A 162 -11.03 21.54 3.43
CA GLU A 162 -10.36 20.94 2.27
C GLU A 162 -9.53 19.74 2.71
N GLY A 163 -10.22 18.74 3.27
CA GLY A 163 -9.53 17.58 3.78
C GLY A 163 -9.06 16.65 2.67
N MET A 164 -9.88 16.47 1.65
CA MET A 164 -9.56 15.54 0.56
C MET A 164 -8.47 16.07 -0.36
N LEU A 165 -8.13 17.36 -0.27
CA LEU A 165 -7.04 17.97 -1.04
C LEU A 165 -5.77 18.13 -0.19
N THR A 166 -5.86 18.81 0.95
CA THR A 166 -4.69 19.20 1.72
C THR A 166 -4.29 18.20 2.79
N GLY A 167 -5.21 17.34 3.23
CA GLY A 167 -4.92 16.40 4.29
C GLY A 167 -5.17 16.91 5.68
N GLU A 168 -5.65 18.15 5.83
CA GLU A 168 -6.03 18.70 7.11
C GLU A 168 -7.56 18.74 7.21
N SER A 169 -8.08 18.41 8.39
CA SER A 169 -9.52 18.31 8.59
C SER A 169 -10.09 19.51 9.33
N GLU A 170 -9.31 20.58 9.52
CA GLU A 170 -9.79 21.76 10.22
C GLU A 170 -10.32 22.78 9.23
N ALA A 171 -11.25 23.60 9.70
CA ALA A 171 -11.86 24.63 8.88
C ALA A 171 -10.87 25.77 8.63
N VAL A 172 -10.74 26.18 7.37
CA VAL A 172 -9.86 27.27 6.97
C VAL A 172 -10.72 28.42 6.47
N GLU A 173 -10.39 29.63 6.91
CA GLU A 173 -11.16 30.81 6.51
C GLU A 173 -11.00 31.10 5.03
N LYS A 174 -12.07 31.59 4.43
CA LYS A 174 -12.10 31.94 3.01
C LYS A 174 -12.28 33.45 2.88
N TYR A 175 -11.47 34.07 2.03
CA TYR A 175 -11.51 35.51 1.83
C TYR A 175 -12.00 35.82 0.41
N ILE A 176 -12.87 36.82 0.32
CA ILE A 176 -13.30 37.32 -0.99
C ILE A 176 -12.20 38.13 -1.65
N ASP A 177 -11.26 38.66 -0.85
CA ASP A 177 -10.21 39.53 -1.37
C ASP A 177 -9.35 38.80 -2.41
N THR A 178 -8.81 39.58 -3.35
CA THR A 178 -7.97 39.05 -4.40
C THR A 178 -6.53 38.92 -3.90
N ILE A 179 -5.96 37.73 -4.06
CA ILE A 179 -4.56 37.47 -3.73
C ILE A 179 -3.76 37.62 -5.03
N PRO A 180 -2.99 38.70 -5.19
CA PRO A 180 -2.19 38.88 -6.42
C PRO A 180 -0.83 38.21 -6.32
N ASP A 181 -0.83 36.90 -6.14
CA ASP A 181 0.41 36.17 -5.89
C ASP A 181 0.25 34.73 -6.33
N GLU A 182 1.38 34.11 -6.67
CA GLU A 182 1.43 32.70 -7.06
C GLU A 182 1.81 31.88 -5.84
N VAL A 183 0.83 31.23 -5.23
CA VAL A 183 1.08 30.41 -4.05
C VAL A 183 0.62 28.98 -4.31
N GLY A 184 0.65 28.14 -3.29
CA GLY A 184 0.37 26.73 -3.44
C GLY A 184 -1.11 26.43 -3.60
N LEU A 185 -1.40 25.14 -3.76
CA LEU A 185 -2.77 24.68 -3.91
C LEU A 185 -3.52 24.63 -2.59
N GLY A 186 -2.82 24.50 -1.47
CA GLY A 186 -3.48 24.41 -0.18
C GLY A 186 -3.98 25.74 0.36
N ASP A 187 -3.43 26.85 -0.09
CA ASP A 187 -3.76 28.17 0.43
C ASP A 187 -4.52 29.01 -0.59
N ARG A 188 -5.41 28.37 -1.36
CA ARG A 188 -6.29 29.09 -2.28
C ARG A 188 -7.41 29.73 -1.46
N VAL A 189 -7.07 30.85 -0.82
CA VAL A 189 -8.01 31.48 0.11
C VAL A 189 -9.17 32.15 -0.61
N ASN A 190 -8.93 32.65 -1.83
CA ASN A 190 -9.94 33.41 -2.55
C ASN A 190 -10.86 32.54 -3.40
N MET A 191 -10.71 31.22 -3.36
CA MET A 191 -11.56 30.34 -4.15
C MET A 191 -11.69 28.99 -3.48
N VAL A 192 -12.80 28.30 -3.75
CA VAL A 192 -13.11 27.02 -3.13
C VAL A 192 -12.86 25.90 -4.11
N PHE A 193 -13.02 24.65 -3.66
CA PHE A 193 -12.84 23.47 -4.48
C PHE A 193 -14.00 22.51 -4.28
N SER A 194 -14.00 21.43 -5.05
CA SER A 194 -15.09 20.47 -5.06
C SER A 194 -14.87 19.40 -3.99
N GLY A 195 -15.98 18.90 -3.45
CA GLY A 195 -15.97 17.81 -2.49
C GLY A 195 -15.76 18.22 -1.04
N SER A 196 -15.46 19.48 -0.78
CA SER A 196 -15.25 19.95 0.58
C SER A 196 -16.57 20.32 1.24
N LEU A 197 -16.60 20.22 2.57
CA LEU A 197 -17.77 20.56 3.37
C LEU A 197 -17.59 21.94 3.97
N VAL A 198 -18.51 22.84 3.67
CA VAL A 198 -18.48 24.17 4.28
C VAL A 198 -18.88 24.03 5.75
N VAL A 199 -17.91 24.15 6.65
CA VAL A 199 -18.21 23.99 8.06
C VAL A 199 -18.98 25.19 8.59
N TYR A 200 -18.62 26.38 8.15
CA TYR A 200 -19.19 27.59 8.74
C TYR A 200 -19.51 28.62 7.66
N GLY A 201 -20.42 29.52 7.99
CA GLY A 201 -20.66 30.71 7.19
C GLY A 201 -21.42 30.45 5.92
N ARG A 202 -21.78 31.54 5.25
CA ARG A 202 -22.49 31.52 3.98
C ARG A 202 -21.55 31.97 2.87
N GLY A 203 -22.03 31.93 1.64
CA GLY A 203 -21.22 32.46 0.56
C GLY A 203 -21.84 32.18 -0.79
N MET A 204 -21.33 32.92 -1.78
CA MET A 204 -21.71 32.70 -3.17
C MET A 204 -20.44 32.53 -3.99
N PHE A 205 -20.54 31.78 -5.09
CA PHE A 205 -19.33 31.62 -5.90
C PHE A 205 -19.66 31.26 -7.34
N VAL A 206 -18.69 31.59 -8.20
CA VAL A 206 -18.63 31.14 -9.59
C VAL A 206 -17.85 29.83 -9.61
N VAL A 207 -18.20 28.95 -10.55
CA VAL A 207 -17.60 27.64 -10.66
C VAL A 207 -16.80 27.64 -11.96
N THR A 208 -15.48 27.48 -11.86
CA THR A 208 -14.64 27.57 -13.05
C THR A 208 -14.78 26.34 -13.93
N GLY A 209 -15.00 25.16 -13.33
CA GLY A 209 -14.98 23.93 -14.09
C GLY A 209 -15.96 22.90 -13.56
N THR A 210 -16.38 22.01 -14.46
CA THR A 210 -17.26 20.90 -14.11
C THR A 210 -16.46 19.78 -13.47
N ALA A 211 -17.07 18.60 -13.35
CA ALA A 211 -16.44 17.47 -12.69
C ALA A 211 -15.19 16.99 -13.41
N SER A 212 -15.08 17.23 -14.71
CA SER A 212 -13.83 17.01 -15.40
C SER A 212 -12.95 18.23 -15.27
N GLU A 213 -11.63 18.02 -15.40
CA GLU A 213 -10.61 19.05 -15.21
C GLU A 213 -10.85 19.90 -13.96
N THR A 214 -11.42 19.30 -12.93
CA THR A 214 -11.41 19.86 -11.58
C THR A 214 -10.46 19.04 -10.72
N GLU A 215 -10.22 19.51 -9.49
CA GLU A 215 -9.20 18.89 -8.64
C GLU A 215 -9.52 17.42 -8.35
N ILE A 216 -10.78 17.11 -8.00
CA ILE A 216 -11.13 15.71 -7.83
C ILE A 216 -11.05 15.00 -9.18
N GLY A 217 -11.25 15.73 -10.28
CA GLY A 217 -11.06 15.13 -11.59
C GLY A 217 -9.59 14.85 -11.90
N LYS A 218 -8.70 15.69 -11.37
CA LYS A 218 -7.27 15.43 -11.50
C LYS A 218 -6.89 14.16 -10.76
N ILE A 219 -7.38 14.03 -9.52
CA ILE A 219 -7.17 12.79 -8.76
C ILE A 219 -7.75 11.60 -9.51
N ALA A 220 -8.91 11.80 -10.15
CA ALA A 220 -9.56 10.73 -10.90
C ALA A 220 -8.75 10.34 -12.13
N GLY A 221 -8.07 11.29 -12.78
CA GLY A 221 -7.22 10.92 -13.89
C GLY A 221 -6.02 10.10 -13.45
N LEU A 222 -5.36 10.56 -12.38
CA LEU A 222 -4.24 9.78 -11.83
C LEU A 222 -4.69 8.38 -11.44
N LEU A 223 -5.93 8.24 -10.95
CA LEU A 223 -6.48 6.93 -10.65
C LEU A 223 -6.93 6.15 -11.88
N GLU A 224 -7.27 6.84 -12.97
CA GLU A 224 -7.70 6.17 -14.18
C GLU A 224 -6.55 5.56 -14.94
N THR A 225 -5.35 6.12 -14.81
CA THR A 225 -4.17 5.44 -15.35
C THR A 225 -4.09 4.02 -14.81
N ALA A 226 -4.05 3.88 -13.48
CA ALA A 226 -4.24 2.62 -12.78
C ALA A 226 -3.27 1.55 -13.26
N GLU A 227 -1.99 1.91 -13.34
CA GLU A 227 -0.93 1.00 -13.78
C GLU A 227 0.00 0.75 -12.59
N ALA A 228 -0.14 -0.44 -11.99
CA ALA A 228 0.76 -0.87 -10.94
C ALA A 228 1.89 -1.68 -11.55
N LYS A 229 3.12 -1.36 -11.15
CA LYS A 229 4.29 -2.01 -11.73
C LYS A 229 4.33 -3.48 -11.36
N GLN A 230 5.04 -4.26 -12.17
CA GLN A 230 5.22 -5.68 -11.90
C GLN A 230 5.89 -5.88 -10.54
N THR A 231 5.33 -6.79 -9.75
CA THR A 231 5.91 -7.12 -8.47
C THR A 231 7.31 -7.70 -8.67
N PRO A 232 8.19 -7.61 -7.67
CA PRO A 232 9.51 -8.22 -7.80
C PRO A 232 9.44 -9.69 -8.19
N LEU A 233 8.49 -10.42 -7.62
CA LEU A 233 8.31 -11.81 -7.99
C LEU A 233 7.88 -11.93 -9.45
N GLN A 234 6.90 -11.14 -9.88
CA GLN A 234 6.44 -11.23 -11.26
C GLN A 234 7.51 -10.77 -12.23
N ARG A 235 8.22 -9.69 -11.91
CA ARG A 235 9.29 -9.21 -12.77
C ARG A 235 10.39 -10.26 -12.92
N LYS A 236 10.92 -10.74 -11.79
CA LYS A 236 11.93 -11.79 -11.83
C LYS A 236 11.41 -13.02 -12.55
N LEU A 237 10.18 -13.43 -12.25
CA LEU A 237 9.67 -14.70 -12.75
C LEU A 237 9.46 -14.66 -14.25
N GLU A 238 9.04 -13.50 -14.79
CA GLU A 238 8.89 -13.41 -16.23
C GLU A 238 10.24 -13.27 -16.93
N SER A 239 11.18 -12.51 -16.31
CA SER A 239 12.52 -12.41 -16.86
C SER A 239 13.25 -13.75 -16.87
N PHE A 240 12.85 -14.68 -16.01
CA PHE A 240 13.36 -16.05 -16.07
C PHE A 240 12.47 -16.99 -16.87
N SER A 241 11.18 -16.69 -17.00
CA SER A 241 10.30 -17.50 -17.83
C SER A 241 10.67 -17.36 -19.30
N LYS A 242 11.17 -16.19 -19.71
CA LYS A 242 11.69 -16.06 -21.06
C LYS A 242 12.91 -16.96 -21.27
N LYS A 243 13.87 -16.89 -20.35
CA LYS A 243 15.06 -17.73 -20.44
C LYS A 243 14.68 -19.21 -20.43
N LEU A 244 13.65 -19.57 -19.67
CA LEU A 244 13.20 -20.96 -19.61
C LEU A 244 12.55 -21.37 -20.93
N GLY A 245 11.71 -20.50 -21.51
CA GLY A 245 11.06 -20.84 -22.76
C GLY A 245 12.02 -20.97 -23.91
N LEU A 246 13.14 -20.24 -23.87
CA LEU A 246 14.12 -20.38 -24.95
C LEU A 246 14.76 -21.76 -24.98
N GLY A 247 14.93 -22.38 -23.81
CA GLY A 247 15.51 -23.70 -23.76
C GLY A 247 14.67 -24.74 -24.49
N ILE A 248 13.35 -24.54 -24.53
CA ILE A 248 12.48 -25.52 -25.18
C ILE A 248 12.64 -25.46 -26.69
N LEU A 249 12.61 -24.26 -27.27
CA LEU A 249 12.81 -24.15 -28.72
C LEU A 249 14.25 -24.34 -29.13
N ALA A 250 15.19 -24.38 -28.17
CA ALA A 250 16.52 -24.88 -28.49
C ALA A 250 16.54 -26.41 -28.53
N LEU A 251 15.95 -27.05 -27.50
CA LEU A 251 16.04 -28.50 -27.38
C LEU A 251 15.14 -29.22 -28.38
N CYS A 252 14.01 -28.64 -28.76
CA CYS A 252 13.18 -29.25 -29.79
C CYS A 252 13.92 -29.30 -31.12
N VAL A 253 14.61 -28.22 -31.48
CA VAL A 253 15.45 -28.21 -32.68
C VAL A 253 16.58 -29.23 -32.55
N LEU A 254 17.19 -29.30 -31.36
CA LEU A 254 18.27 -30.25 -31.14
C LEU A 254 17.79 -31.70 -31.32
N ILE A 255 16.61 -32.02 -30.80
CA ILE A 255 16.08 -33.37 -30.91
C ILE A 255 15.70 -33.68 -32.36
N PHE A 256 14.99 -32.74 -33.00
CA PHE A 256 14.65 -32.88 -34.42
C PHE A 256 15.90 -33.01 -35.28
N ALA A 257 17.06 -32.58 -34.79
CA ALA A 257 18.29 -32.72 -35.55
C ALA A 257 19.01 -34.04 -35.27
N VAL A 258 19.14 -34.43 -34.00
CA VAL A 258 19.90 -35.63 -33.66
C VAL A 258 19.17 -36.88 -34.15
N GLU A 259 17.83 -36.91 -34.02
CA GLU A 259 17.09 -38.06 -34.53
C GLU A 259 17.27 -38.21 -36.03
N ALA A 260 17.35 -37.09 -36.75
CA ALA A 260 17.62 -37.16 -38.19
C ALA A 260 19.06 -37.59 -38.47
N GLY A 261 19.99 -37.21 -37.60
CA GLY A 261 21.36 -37.64 -37.76
C GLY A 261 21.52 -39.14 -37.68
N ARG A 262 20.70 -39.79 -36.85
CA ARG A 262 20.76 -41.25 -36.74
C ARG A 262 20.35 -41.98 -38.02
N VAL A 263 19.70 -41.29 -38.97
CA VAL A 263 19.25 -41.95 -40.20
C VAL A 263 20.37 -42.11 -41.23
N LEU A 264 21.42 -41.30 -41.15
CA LEU A 264 22.46 -41.33 -42.17
C LEU A 264 23.33 -42.58 -42.05
N LEU A 265 23.87 -42.84 -40.85
CA LEU A 265 24.80 -43.94 -40.66
C LEU A 265 24.12 -45.28 -40.42
N GLY A 266 22.79 -45.31 -40.32
CA GLY A 266 22.11 -46.55 -40.01
C GLY A 266 22.25 -47.57 -41.14
N ASP A 267 22.29 -48.84 -40.77
CA ASP A 267 22.36 -49.91 -41.74
C ASP A 267 21.06 -49.97 -42.55
N ASN A 268 21.19 -49.98 -43.88
CA ASN A 268 20.05 -49.87 -44.78
C ASN A 268 19.23 -48.63 -44.46
N SER A 269 19.94 -47.53 -44.22
CA SER A 269 19.35 -46.26 -43.75
C SER A 269 18.61 -46.56 -42.44
N ALA A 270 17.41 -46.03 -42.25
CA ALA A 270 16.61 -46.33 -41.08
C ALA A 270 15.16 -46.03 -41.41
N ASP A 271 14.27 -46.42 -40.50
CA ASP A 271 12.86 -46.05 -40.65
C ASP A 271 12.72 -44.55 -40.45
N MET A 272 12.12 -43.89 -41.45
CA MET A 272 12.10 -42.44 -41.48
C MET A 272 11.01 -41.87 -40.57
N ALA A 273 9.79 -42.41 -40.67
CA ALA A 273 8.71 -41.97 -39.79
C ALA A 273 8.98 -42.34 -38.35
N THR A 274 9.68 -43.44 -38.10
CA THR A 274 10.00 -43.81 -36.72
C THR A 274 10.95 -42.80 -36.10
N ALA A 275 11.96 -42.35 -36.86
CA ALA A 275 12.86 -41.31 -36.35
C ALA A 275 12.10 -40.01 -36.11
N ILE A 276 11.24 -39.61 -37.05
CA ILE A 276 10.49 -38.36 -36.87
C ILE A 276 9.60 -38.44 -35.64
N LEU A 277 8.84 -39.53 -35.51
CA LEU A 277 7.94 -39.70 -34.38
C LEU A 277 8.68 -39.85 -33.07
N ASN A 278 9.86 -40.47 -33.10
CA ASN A 278 10.70 -40.58 -31.90
C ASN A 278 11.11 -39.20 -31.43
N ALA A 279 11.53 -38.35 -32.37
CA ALA A 279 11.86 -36.96 -32.03
C ALA A 279 10.67 -36.25 -31.41
N PHE A 280 9.45 -36.53 -31.91
CA PHE A 280 8.28 -35.86 -31.36
C PHE A 280 7.96 -36.34 -29.93
N MET A 281 8.07 -37.65 -29.70
CA MET A 281 7.88 -38.18 -28.35
C MET A 281 8.89 -37.56 -27.38
N PHE A 282 10.17 -37.52 -27.80
CA PHE A 282 11.19 -36.87 -26.97
C PHE A 282 10.87 -35.39 -26.75
N ALA A 283 10.34 -34.72 -27.77
CA ALA A 283 10.08 -33.30 -27.68
C ALA A 283 9.00 -33.00 -26.65
N VAL A 284 7.89 -33.74 -26.70
CA VAL A 284 6.83 -33.53 -25.70
C VAL A 284 7.31 -33.95 -24.32
N ALA A 285 8.15 -35.00 -24.25
CA ALA A 285 8.67 -35.44 -22.96
C ALA A 285 9.54 -34.36 -22.32
N VAL A 286 10.26 -33.60 -23.12
CA VAL A 286 11.10 -32.55 -22.56
C VAL A 286 10.28 -31.30 -22.26
N ALA A 287 9.32 -30.96 -23.13
CA ALA A 287 8.53 -29.75 -22.91
C ALA A 287 7.72 -29.83 -21.62
N VAL A 288 7.11 -31.00 -21.36
CA VAL A 288 6.34 -31.14 -20.13
C VAL A 288 7.25 -31.14 -18.91
N ALA A 289 8.44 -31.72 -19.04
CA ALA A 289 9.34 -31.82 -17.89
C ALA A 289 10.06 -30.52 -17.58
N ALA A 290 10.34 -29.69 -18.59
CA ALA A 290 11.11 -28.48 -18.38
C ALA A 290 10.30 -27.38 -17.71
N ILE A 291 8.98 -27.40 -17.86
CA ILE A 291 8.10 -26.41 -17.26
C ILE A 291 7.51 -27.01 -15.98
N PRO A 292 7.64 -26.35 -14.83
CA PRO A 292 6.91 -26.79 -13.65
C PRO A 292 5.49 -26.24 -13.64
N GLU A 293 4.55 -26.97 -14.26
CA GLU A 293 3.19 -26.47 -14.40
C GLU A 293 2.47 -26.27 -13.06
N ALA A 294 3.02 -26.81 -11.97
CA ALA A 294 2.49 -26.54 -10.64
C ALA A 294 3.04 -25.27 -10.03
N LEU A 295 3.91 -24.55 -10.75
CA LEU A 295 4.57 -23.40 -10.15
C LEU A 295 3.59 -22.27 -9.84
N SER A 296 2.59 -22.06 -10.69
CA SER A 296 1.57 -21.07 -10.38
C SER A 296 0.70 -21.53 -9.22
N SER A 297 0.25 -22.79 -9.28
CA SER A 297 -0.59 -23.34 -8.22
C SER A 297 0.15 -23.44 -6.90
N ILE A 298 1.48 -23.42 -6.91
CA ILE A 298 2.28 -23.47 -5.69
C ILE A 298 2.66 -22.09 -5.20
N VAL A 299 3.01 -21.18 -6.11
CA VAL A 299 3.34 -19.82 -5.71
C VAL A 299 2.12 -19.13 -5.11
N THR A 300 0.94 -19.37 -5.69
CA THR A 300 -0.27 -18.81 -5.11
C THR A 300 -0.55 -19.36 -3.71
N ILE A 301 -0.07 -20.56 -3.40
CA ILE A 301 -0.29 -21.12 -2.06
C ILE A 301 0.80 -20.71 -1.06
N VAL A 302 2.05 -20.60 -1.51
CA VAL A 302 3.05 -20.02 -0.62
C VAL A 302 2.68 -18.57 -0.33
N LEU A 303 2.01 -17.88 -1.26
CA LEU A 303 1.40 -16.60 -0.91
C LEU A 303 0.13 -16.79 -0.08
N ALA A 304 -0.53 -17.94 -0.21
CA ALA A 304 -1.62 -18.28 0.69
C ALA A 304 -1.22 -18.23 2.15
N VAL A 305 0.06 -18.41 2.42
CA VAL A 305 0.51 -18.28 3.81
C VAL A 305 0.62 -16.80 4.24
N GLY A 306 0.91 -15.89 3.30
CA GLY A 306 1.28 -14.52 3.63
C GLY A 306 0.25 -13.66 4.34
N THR A 307 -0.83 -13.30 3.65
CA THR A 307 -1.83 -12.47 4.31
C THR A 307 -2.57 -13.23 5.40
N ASN A 308 -2.43 -14.55 5.49
CA ASN A 308 -2.95 -15.24 6.65
C ASN A 308 -2.10 -14.94 7.88
N LYS A 309 -0.77 -14.96 7.74
CA LYS A 309 0.05 -14.53 8.85
C LYS A 309 -0.18 -13.06 9.18
N MET A 310 -0.56 -12.27 8.17
CA MET A 310 -0.85 -10.85 8.42
C MET A 310 -2.25 -10.62 8.99
N ALA A 311 -3.19 -11.54 8.78
CA ALA A 311 -4.56 -11.34 9.27
C ALA A 311 -4.63 -11.39 10.78
N LYS A 312 -3.67 -12.06 11.43
CA LYS A 312 -3.62 -12.08 12.88
C LYS A 312 -3.18 -10.73 13.45
N GLN A 313 -2.68 -9.82 12.62
CA GLN A 313 -2.27 -8.49 13.05
C GLN A 313 -3.15 -7.40 12.43
N HIS A 314 -4.37 -7.74 12.05
CA HIS A 314 -5.37 -6.77 11.57
C HIS A 314 -4.89 -6.03 10.31
N ALA A 315 -4.15 -6.71 9.45
CA ALA A 315 -3.63 -6.14 8.21
C ALA A 315 -4.10 -7.02 7.05
N ILE A 316 -5.15 -6.58 6.36
CA ILE A 316 -5.73 -7.34 5.25
C ILE A 316 -4.94 -7.07 3.99
N ILE A 317 -4.91 -8.05 3.08
CA ILE A 317 -4.28 -7.92 1.77
C ILE A 317 -5.25 -8.51 0.75
N ARG A 318 -5.79 -7.65 -0.13
CA ARG A 318 -6.75 -8.11 -1.12
C ARG A 318 -6.08 -8.83 -2.27
N LYS A 319 -4.90 -8.36 -2.68
CA LYS A 319 -4.19 -8.88 -3.83
C LYS A 319 -2.99 -9.69 -3.35
N LEU A 320 -3.00 -11.00 -3.61
CA LEU A 320 -1.95 -11.87 -3.09
C LEU A 320 -0.54 -11.41 -3.46
N PRO A 321 -0.21 -11.15 -4.77
CA PRO A 321 1.20 -10.86 -5.11
C PRO A 321 1.79 -9.67 -4.37
N ALA A 322 0.93 -8.96 -3.63
CA ALA A 322 1.37 -7.79 -2.89
C ALA A 322 2.38 -8.16 -1.80
N VAL A 323 2.18 -9.31 -1.15
CA VAL A 323 2.97 -9.65 0.03
C VAL A 323 4.47 -9.58 -0.29
N GLU A 324 4.90 -10.37 -1.28
CA GLU A 324 6.33 -10.43 -1.62
C GLU A 324 6.88 -9.05 -1.93
N THR A 325 6.04 -8.17 -2.48
CA THR A 325 6.51 -6.82 -2.83
C THR A 325 7.10 -6.13 -1.62
N LEU A 326 6.37 -6.15 -0.49
CA LEU A 326 6.84 -5.46 0.71
C LEU A 326 8.20 -5.96 1.17
N GLY A 327 8.59 -7.17 0.76
CA GLY A 327 9.90 -7.67 1.13
C GLY A 327 11.02 -6.91 0.44
N SER A 328 10.89 -6.69 -0.87
CA SER A 328 11.96 -6.05 -1.63
C SER A 328 11.93 -4.53 -1.51
N THR A 329 10.97 -3.97 -0.78
CA THR A 329 10.85 -2.53 -0.64
C THR A 329 12.12 -1.94 -0.03
N SER A 330 12.54 -0.78 -0.57
CA SER A 330 13.69 -0.06 -0.05
C SER A 330 13.37 1.40 0.30
N VAL A 331 12.21 1.92 -0.08
CA VAL A 331 11.80 3.28 0.22
C VAL A 331 10.34 3.27 0.65
N ILE A 332 10.08 3.72 1.87
CA ILE A 332 8.73 3.78 2.43
C ILE A 332 8.33 5.26 2.52
N CYS A 333 7.28 5.63 1.80
CA CYS A 333 6.76 6.99 1.80
C CYS A 333 5.43 7.01 2.53
N THR A 334 5.30 7.90 3.52
CA THR A 334 4.17 7.90 4.43
C THR A 334 3.44 9.24 4.39
N ASP A 335 2.19 9.20 4.84
CA ASP A 335 1.36 10.38 5.02
C ASP A 335 1.49 10.89 6.44
N LYS A 336 1.34 12.21 6.62
CA LYS A 336 1.59 12.81 7.92
C LYS A 336 0.37 12.76 8.84
N THR A 337 -0.77 13.25 8.37
CA THR A 337 -1.97 13.36 9.20
C THR A 337 -2.80 12.08 9.06
N GLY A 338 -2.96 11.37 10.17
CA GLY A 338 -3.77 10.17 10.19
C GLY A 338 -3.02 8.88 9.91
N THR A 339 -1.75 8.96 9.51
CA THR A 339 -0.92 7.77 9.32
C THR A 339 0.17 7.72 10.39
N LEU A 340 1.12 8.67 10.38
CA LEU A 340 2.06 8.77 11.48
C LEU A 340 1.34 9.16 12.77
N THR A 341 0.36 10.03 12.66
CA THR A 341 -0.49 10.41 13.77
C THR A 341 -1.80 9.62 13.71
N GLN A 342 -2.73 9.98 14.59
CA GLN A 342 -4.09 9.43 14.57
C GLN A 342 -5.12 10.53 14.34
N ASN A 343 -4.67 11.70 13.88
CA ASN A 343 -5.50 12.86 13.55
C ASN A 343 -6.09 13.51 14.80
N LYS A 344 -5.90 12.89 15.96
CA LYS A 344 -6.39 13.47 17.20
C LYS A 344 -5.54 14.66 17.60
N MET A 345 -6.21 15.73 18.04
CA MET A 345 -5.53 16.93 18.54
C MET A 345 -5.35 16.78 20.05
N THR A 346 -4.12 16.90 20.51
CA THR A 346 -3.81 16.71 21.93
C THR A 346 -2.84 17.80 22.38
N VAL A 347 -2.83 18.05 23.68
CA VAL A 347 -1.91 19.00 24.27
C VAL A 347 -0.66 18.27 24.72
N VAL A 348 0.50 18.87 24.42
CA VAL A 348 1.77 18.33 24.88
C VAL A 348 2.39 19.22 25.97
N ASP A 349 2.12 20.52 25.96
CA ASP A 349 2.59 21.40 27.03
C ASP A 349 1.69 22.63 27.14
N TYR A 350 1.68 23.19 28.35
CA TYR A 350 0.78 24.27 28.71
C TYR A 350 1.60 25.39 29.34
N TYR A 351 1.00 26.59 29.41
CA TYR A 351 1.67 27.75 29.97
C TYR A 351 0.67 28.49 30.85
N LEU A 352 1.01 28.62 32.12
CA LEU A 352 0.24 29.35 33.12
C LEU A 352 1.17 30.34 33.80
N PRO A 353 0.64 31.48 34.25
CA PRO A 353 1.53 32.50 34.85
C PRO A 353 2.31 32.01 36.06
N ASP A 354 1.83 31.01 36.78
CA ASP A 354 2.52 30.55 37.99
C ASP A 354 2.97 29.10 37.94
N GLY A 355 2.18 28.21 37.34
CA GLY A 355 2.52 26.79 37.34
C GLY A 355 2.71 26.21 35.96
N THR A 356 3.94 25.76 35.66
CA THR A 356 4.26 25.15 34.38
C THR A 356 5.13 23.92 34.63
N LYS A 357 4.50 22.84 35.09
CA LYS A 357 5.19 21.57 35.23
C LYS A 357 5.54 21.02 33.85
N GLU A 358 6.67 20.31 33.77
CA GLU A 358 7.09 19.72 32.51
C GLU A 358 6.06 18.74 31.99
N ASN A 359 5.54 17.88 32.86
CA ASN A 359 4.48 16.94 32.51
C ASN A 359 3.17 17.38 33.15
N PHE A 360 2.08 17.22 32.41
CA PHE A 360 0.77 17.51 32.97
C PHE A 360 0.50 16.60 34.16
N PRO A 361 -0.14 17.11 35.20
CA PRO A 361 -0.34 16.31 36.41
C PRO A 361 -1.46 15.28 36.22
N GLU A 362 -1.60 14.43 37.24
CA GLU A 362 -2.46 13.24 37.15
C GLU A 362 -3.93 13.60 37.15
N SER A 363 -4.50 13.84 38.34
CA SER A 363 -5.93 14.07 38.50
C SER A 363 -6.17 15.41 39.18
N PRO A 364 -7.34 16.03 38.96
CA PRO A 364 -7.62 17.33 39.60
C PRO A 364 -7.58 17.29 41.11
N GLU A 365 -7.76 16.12 41.72
CA GLU A 365 -7.63 15.97 43.16
C GLU A 365 -6.21 15.64 43.59
N ASN A 366 -5.23 15.84 42.72
CA ASN A 366 -3.85 15.48 42.98
C ASN A 366 -2.91 16.68 42.97
N TRP A 367 -2.89 17.46 41.90
CA TRP A 367 -1.93 18.56 41.81
C TRP A 367 -2.27 19.67 42.79
N SER A 368 -3.52 20.14 42.77
CA SER A 368 -4.02 21.15 43.70
C SER A 368 -3.07 22.34 43.83
N GLU A 369 -2.72 22.94 42.70
CA GLU A 369 -1.83 24.10 42.67
C GLU A 369 -2.63 25.32 42.25
N GLY A 370 -2.91 26.19 43.21
CA GLY A 370 -3.65 27.41 42.97
C GLY A 370 -5.07 27.14 42.51
N GLU A 371 -5.65 28.16 41.89
CA GLU A 371 -6.98 28.07 41.30
C GLU A 371 -6.82 27.80 39.80
N ARG A 372 -7.21 26.61 39.37
CA ARG A 372 -7.13 26.25 37.96
C ARG A 372 -8.21 26.96 37.17
N ARG A 373 -8.08 28.30 37.06
CA ARG A 373 -9.09 29.09 36.36
C ARG A 373 -9.17 28.71 34.89
N LEU A 374 -8.02 28.49 34.25
CA LEU A 374 -8.02 28.11 32.84
C LEU A 374 -8.61 26.73 32.63
N ILE A 375 -8.30 25.79 33.53
CA ILE A 375 -8.85 24.44 33.39
C ILE A 375 -10.37 24.47 33.50
N HIS A 376 -10.92 25.44 34.23
CA HIS A 376 -12.37 25.54 34.36
C HIS A 376 -13.00 26.27 33.20
N ILE A 377 -12.34 27.31 32.66
CA ILE A 377 -12.94 28.08 31.58
C ILE A 377 -12.66 27.51 30.20
N ALA A 378 -11.63 26.69 30.04
CA ALA A 378 -11.30 26.14 28.73
C ALA A 378 -12.34 25.13 28.28
N VAL A 379 -12.95 24.41 29.21
CA VAL A 379 -14.02 23.49 28.86
C VAL A 379 -15.32 24.23 28.58
N LEU A 380 -15.44 25.48 29.00
CA LEU A 380 -16.62 26.28 28.69
C LEU A 380 -16.50 27.02 27.37
N CYS A 381 -15.29 27.41 26.97
CA CYS A 381 -15.15 28.15 25.72
C CYS A 381 -15.16 27.26 24.48
N ASN A 382 -15.13 25.93 24.64
CA ASN A 382 -15.13 25.05 23.48
C ASN A 382 -16.56 24.74 23.03
N ASP A 383 -16.66 24.18 21.81
CA ASP A 383 -17.95 23.85 21.22
C ASP A 383 -17.96 22.41 20.72
N SER A 384 -17.25 21.52 21.41
CA SER A 384 -17.15 20.12 21.01
C SER A 384 -18.03 19.26 21.90
N ASN A 385 -18.49 18.14 21.32
CA ASN A 385 -19.39 17.22 22.02
C ASN A 385 -18.85 15.81 21.91
N ILE A 386 -19.04 15.03 22.98
CA ILE A 386 -18.65 13.63 23.04
C ILE A 386 -19.92 12.81 23.21
N ASN A 387 -20.25 12.01 22.20
CA ASN A 387 -21.50 11.26 22.21
C ASN A 387 -21.43 10.10 23.20
N SER A 388 -22.55 9.38 23.32
CA SER A 388 -22.56 8.13 24.08
C SER A 388 -21.63 7.11 23.45
N GLU A 389 -21.45 7.18 22.13
CA GLU A 389 -20.47 6.32 21.45
C GLU A 389 -19.04 6.76 21.72
N GLY A 390 -18.82 8.02 22.05
CA GLY A 390 -17.49 8.56 22.21
C GLY A 390 -16.84 9.05 20.95
N LYS A 391 -17.55 9.04 19.83
CA LYS A 391 -16.99 9.48 18.56
C LYS A 391 -16.74 10.99 18.56
N GLU A 392 -15.91 11.43 17.62
CA GLU A 392 -15.46 12.81 17.56
C GLU A 392 -16.34 13.61 16.61
N LEU A 393 -16.82 14.75 17.08
CA LEU A 393 -17.60 15.67 16.26
C LEU A 393 -17.31 17.11 16.68
N GLY A 394 -17.24 17.99 15.69
CA GLY A 394 -16.92 19.39 15.90
C GLY A 394 -15.61 19.77 15.24
N ASP A 395 -15.19 21.00 15.50
CA ASP A 395 -13.90 21.46 14.99
C ASP A 395 -12.77 20.72 15.69
N PRO A 396 -11.76 20.22 14.96
CA PRO A 396 -10.73 19.39 15.61
C PRO A 396 -9.86 20.14 16.59
N THR A 397 -9.66 21.44 16.40
CA THR A 397 -8.89 22.22 17.36
C THR A 397 -9.61 22.33 18.70
N GLU A 398 -10.94 22.39 18.68
CA GLU A 398 -11.70 22.60 19.90
C GLU A 398 -11.85 21.31 20.72
N VAL A 399 -11.84 20.15 20.08
CA VAL A 399 -11.97 18.90 20.82
C VAL A 399 -10.74 18.60 21.67
N ALA A 400 -9.61 19.24 21.36
CA ALA A 400 -8.38 19.05 22.14
C ALA A 400 -8.48 19.63 23.54
N LEU A 401 -9.50 20.45 23.81
CA LEU A 401 -9.66 21.00 25.15
C LEU A 401 -10.27 19.99 26.11
N ILE A 402 -11.24 19.20 25.63
CA ILE A 402 -11.92 18.22 26.47
C ILE A 402 -11.34 16.81 26.34
N ALA A 403 -10.67 16.49 25.24
CA ALA A 403 -10.00 15.20 25.16
C ALA A 403 -8.85 15.12 26.17
N PHE A 404 -8.00 16.15 26.19
CA PHE A 404 -6.94 16.21 27.20
C PHE A 404 -7.50 16.30 28.61
N SER A 405 -8.71 16.84 28.75
CA SER A 405 -9.35 16.89 30.07
C SER A 405 -9.79 15.50 30.51
N ASN A 406 -10.45 14.76 29.61
CA ASN A 406 -10.85 13.39 29.94
C ASN A 406 -9.65 12.51 30.21
N LYS A 407 -8.50 12.79 29.59
CA LYS A 407 -7.30 12.01 29.88
C LYS A 407 -6.88 12.14 31.34
N ASN A 408 -7.07 13.32 31.94
CA ASN A 408 -6.60 13.61 33.30
C ASN A 408 -7.64 13.32 34.36
N ASN A 409 -8.43 12.25 34.21
CA ASN A 409 -9.41 11.80 35.19
C ASN A 409 -10.47 12.86 35.50
N GLN A 410 -10.68 13.80 34.58
CA GLN A 410 -11.68 14.85 34.74
C GLN A 410 -12.70 14.72 33.62
N ASP A 411 -13.95 14.45 34.00
CA ASP A 411 -15.01 14.24 33.02
C ASP A 411 -15.33 15.54 32.28
N TYR A 412 -15.80 15.39 31.04
CA TYR A 412 -16.17 16.54 30.24
C TYR A 412 -17.56 17.07 30.58
N ASN A 413 -18.35 16.34 31.35
CA ASN A 413 -19.67 16.79 31.77
C ASN A 413 -19.69 17.34 33.18
N GLU A 414 -18.86 16.81 34.09
CA GLU A 414 -18.89 17.26 35.48
C GLU A 414 -18.48 18.72 35.63
N ILE A 415 -17.79 19.28 34.65
CA ILE A 415 -17.41 20.69 34.68
C ILE A 415 -18.27 21.55 33.75
N ARG A 416 -18.87 20.98 32.71
CA ARG A 416 -19.77 21.73 31.84
C ARG A 416 -21.17 21.85 32.40
N GLU A 417 -21.55 20.97 33.34
CA GLU A 417 -22.86 21.03 33.97
C GLU A 417 -22.87 21.89 35.23
N LYS A 418 -21.72 21.99 35.91
CA LYS A 418 -21.65 22.85 37.09
C LYS A 418 -21.85 24.31 36.73
N PHE A 419 -21.36 24.74 35.58
CA PHE A 419 -21.49 26.12 35.12
C PHE A 419 -22.41 26.14 33.90
N ILE A 420 -23.35 27.07 33.90
CA ILE A 420 -24.34 27.19 32.82
C ILE A 420 -24.05 28.46 32.05
N ARG A 421 -23.78 28.33 30.76
CA ARG A 421 -23.47 29.45 29.89
C ARG A 421 -24.54 29.58 28.80
N GLU A 422 -25.10 30.77 28.66
CA GLU A 422 -26.04 31.12 27.60
C GLU A 422 -25.49 32.37 26.95
N GLY A 423 -24.63 32.20 25.94
CA GLY A 423 -23.97 33.29 25.27
C GLY A 423 -24.53 33.54 23.88
N GLU A 424 -24.08 34.65 23.30
CA GLU A 424 -24.49 35.01 21.94
C GLU A 424 -23.78 34.18 20.88
N ILE A 425 -22.68 33.53 21.25
CA ILE A 425 -21.85 32.65 20.42
C ILE A 425 -21.80 33.12 18.96
N PRO A 426 -21.25 34.29 18.69
CA PRO A 426 -21.24 34.81 17.31
C PRO A 426 -20.13 34.17 16.49
N PHE A 427 -20.03 34.61 15.24
CA PHE A 427 -19.03 34.08 14.32
C PHE A 427 -17.67 34.72 14.58
N ASP A 428 -16.66 34.21 13.87
CA ASP A 428 -15.30 34.74 14.00
C ASP A 428 -14.80 35.26 12.66
N SER A 429 -15.58 36.14 12.02
CA SER A 429 -15.15 36.72 10.75
C SER A 429 -13.87 37.52 10.92
N ASP A 430 -13.81 38.34 11.97
CA ASP A 430 -12.67 39.20 12.21
C ASP A 430 -12.27 39.11 13.68
N ARG A 431 -10.95 39.17 13.92
CA ARG A 431 -10.32 39.13 15.24
C ARG A 431 -10.38 37.75 15.88
N LYS A 432 -11.12 36.81 15.28
CA LYS A 432 -11.20 35.44 15.77
C LYS A 432 -11.67 35.40 17.23
N LEU A 433 -12.75 36.13 17.51
CA LEU A 433 -13.26 36.29 18.85
C LEU A 433 -14.51 35.45 19.05
N MET A 434 -14.72 35.01 20.30
CA MET A 434 -15.93 34.28 20.67
C MET A 434 -16.29 34.64 22.11
N SER A 435 -17.40 35.35 22.29
CA SER A 435 -17.85 35.76 23.61
C SER A 435 -18.86 34.75 24.16
N THR A 436 -19.03 34.80 25.49
CA THR A 436 -19.98 33.93 26.16
C THR A 436 -20.45 34.58 27.46
N LEU A 437 -21.52 34.02 28.02
CA LEU A 437 -22.06 34.48 29.29
C LEU A 437 -21.65 33.48 30.36
N HIS A 438 -20.97 33.97 31.39
CA HIS A 438 -20.44 33.12 32.46
C HIS A 438 -21.04 33.52 33.80
N THR A 439 -21.53 32.52 34.54
CA THR A 439 -22.16 32.71 35.83
C THR A 439 -21.37 31.91 36.87
N PHE A 440 -20.58 32.60 37.68
CA PHE A 440 -19.86 32.00 38.81
C PHE A 440 -20.29 32.71 40.09
N ASN A 441 -20.72 31.91 41.07
CA ASN A 441 -21.17 32.42 42.37
C ASN A 441 -22.28 33.43 42.09
N GLU A 442 -22.16 34.70 42.49
CA GLU A 442 -23.11 35.73 42.13
C GLU A 442 -22.55 36.72 41.12
N ASN A 443 -21.27 36.61 40.77
CA ASN A 443 -20.68 37.53 39.82
C ASN A 443 -20.89 37.04 38.39
N LYS A 444 -20.51 37.88 37.45
CA LYS A 444 -20.64 37.59 36.02
C LYS A 444 -19.28 37.63 35.35
N ALA A 445 -19.22 37.02 34.17
CA ALA A 445 -17.99 37.03 33.37
C ALA A 445 -18.37 36.83 31.91
N MET A 446 -17.39 37.08 31.03
CA MET A 446 -17.58 36.90 29.58
C MET A 446 -16.29 36.29 29.02
N LEU A 447 -16.18 34.97 29.12
CA LEU A 447 -15.00 34.28 28.62
C LEU A 447 -14.87 34.51 27.11
N THR A 448 -13.62 34.64 26.65
CA THR A 448 -13.38 34.85 25.23
C THR A 448 -12.05 34.21 24.86
N LYS A 449 -12.04 33.47 23.75
CA LYS A 449 -10.84 32.79 23.28
C LYS A 449 -10.39 33.38 21.95
N GLY A 450 -9.10 33.24 21.67
CA GLY A 450 -8.58 33.76 20.42
C GLY A 450 -7.13 33.37 20.19
N GLY A 451 -6.63 33.80 19.03
CA GLY A 451 -5.25 33.59 18.67
C GLY A 451 -4.32 34.44 19.52
N PRO A 452 -3.20 33.85 19.93
CA PRO A 452 -2.28 34.57 20.84
C PRO A 452 -1.73 35.86 20.26
N ASP A 453 -1.71 36.02 18.94
CA ASP A 453 -1.20 37.25 18.35
C ASP A 453 -2.22 38.37 18.34
N VAL A 454 -3.51 38.02 18.32
CA VAL A 454 -4.57 39.02 18.32
C VAL A 454 -5.30 39.10 19.66
N MET A 455 -5.42 38.00 20.39
CA MET A 455 -6.11 38.03 21.68
C MET A 455 -5.36 38.89 22.69
N PHE A 456 -4.03 38.96 22.59
CA PHE A 456 -3.25 39.83 23.46
C PHE A 456 -3.29 41.29 23.05
N ALA A 457 -3.77 41.60 21.84
CA ALA A 457 -3.84 42.99 21.42
C ALA A 457 -4.87 43.76 22.24
N ARG A 458 -6.01 43.15 22.51
CA ARG A 458 -7.03 43.75 23.36
C ARG A 458 -6.90 43.33 24.82
N CYS A 459 -5.83 42.64 25.17
CA CYS A 459 -5.60 42.21 26.56
C CYS A 459 -5.22 43.41 27.42
N SER A 460 -5.83 43.50 28.61
CA SER A 460 -5.56 44.60 29.53
C SER A 460 -5.42 44.15 30.97
N TYR A 461 -5.25 42.84 31.22
CA TYR A 461 -5.00 42.34 32.56
C TYR A 461 -4.07 41.14 32.50
N VAL A 462 -3.34 40.92 33.60
CA VAL A 462 -2.55 39.72 33.82
C VAL A 462 -2.71 39.31 35.27
N PHE A 463 -2.48 38.03 35.56
CA PHE A 463 -2.64 37.58 36.94
C PHE A 463 -2.02 36.21 37.21
N LEU A 464 -1.21 36.13 38.26
CA LEU A 464 -0.65 34.88 38.75
C LEU A 464 -0.84 34.81 40.26
N ASP A 465 -1.33 33.67 40.75
CA ASP A 465 -1.60 33.47 42.17
C ASP A 465 -2.43 34.62 42.74
N GLY A 466 -3.56 34.87 42.08
CA GLY A 466 -4.38 36.02 42.39
C GLY A 466 -4.35 37.05 41.26
N GLU A 467 -5.24 38.03 41.38
CA GLU A 467 -5.41 39.04 40.34
C GLU A 467 -4.27 40.05 40.39
N GLU A 468 -3.59 40.24 39.27
CA GLU A 468 -2.45 41.15 39.17
C GLU A 468 -2.72 42.33 38.25
N LYS A 469 -3.88 42.39 37.59
CA LYS A 469 -4.27 43.52 36.77
C LYS A 469 -3.26 43.64 35.63
N PRO A 470 -2.97 44.79 34.98
CA PRO A 470 -2.03 44.75 33.86
C PRO A 470 -0.59 45.04 34.26
N MET A 471 0.32 44.55 33.43
CA MET A 471 1.75 44.82 33.58
C MET A 471 2.37 44.93 32.20
N THR A 472 3.40 45.79 32.11
CA THR A 472 4.07 46.09 30.85
C THR A 472 5.34 45.27 30.65
N GLU A 473 6.22 45.20 31.65
CA GLU A 473 7.48 44.48 31.53
C GLU A 473 7.35 43.07 32.10
N GLU A 474 8.15 42.16 31.54
CA GLU A 474 8.24 40.77 31.97
C GLU A 474 6.93 40.02 31.74
N ILE A 475 5.93 40.70 31.20
CA ILE A 475 4.63 40.10 30.91
C ILE A 475 4.37 40.05 29.40
N LEU A 476 4.58 41.17 28.71
CA LEU A 476 4.42 41.18 27.27
C LEU A 476 5.65 40.65 26.54
N ALA A 477 6.75 40.40 27.25
CA ALA A 477 7.95 39.83 26.67
C ALA A 477 8.10 38.34 26.92
N LYS A 478 7.54 37.83 28.02
CA LYS A 478 7.57 36.40 28.28
C LYS A 478 6.49 35.66 27.49
N LEU A 479 5.34 36.30 27.26
CA LEU A 479 4.32 35.68 26.42
C LEU A 479 4.84 35.48 25.01
N LYS A 480 5.58 36.45 24.48
CA LYS A 480 6.17 36.26 23.16
C LYS A 480 7.25 35.19 23.20
N GLU A 481 8.05 35.14 24.27
CA GLU A 481 9.06 34.10 24.42
C GLU A 481 8.42 32.71 24.30
N THR A 482 7.36 32.47 25.07
CA THR A 482 6.77 31.15 25.08
C THR A 482 5.97 30.87 23.80
N ASN A 483 5.19 31.83 23.33
CA ASN A 483 4.41 31.63 22.12
C ASN A 483 5.31 31.40 20.91
N GLU A 484 6.46 32.10 20.88
CA GLU A 484 7.38 31.94 19.75
C GLU A 484 8.14 30.63 19.85
N GLU A 485 8.51 30.19 21.06
CA GLU A 485 9.16 28.90 21.19
C GLU A 485 8.20 27.75 20.90
N PHE A 486 6.91 27.95 21.18
CA PHE A 486 5.91 26.94 20.86
C PHE A 486 5.59 26.92 19.37
N SER A 487 5.57 28.09 18.73
CA SER A 487 5.44 28.14 17.27
C SER A 487 6.69 27.65 16.56
N ASN A 488 7.85 27.74 17.21
CA ASN A 488 9.05 27.10 16.69
C ASN A 488 8.93 25.60 16.77
N GLN A 489 8.24 25.09 17.79
CA GLN A 489 7.84 23.69 17.83
C GLN A 489 6.58 23.43 17.02
N ALA A 490 6.08 24.45 16.31
CA ALA A 490 4.91 24.34 15.43
C ALA A 490 3.67 23.89 16.18
N LEU A 491 3.55 24.29 17.45
CA LEU A 491 2.39 23.97 18.27
C LEU A 491 1.34 25.06 18.10
N ARG A 492 0.13 24.67 17.72
CA ARG A 492 -0.98 25.61 17.66
C ARG A 492 -1.31 26.06 19.07
N VAL A 493 -0.98 27.30 19.38
CA VAL A 493 -1.21 27.88 20.70
C VAL A 493 -2.51 28.65 20.67
N LEU A 494 -3.27 28.57 21.76
CA LEU A 494 -4.50 29.32 21.89
C LEU A 494 -4.53 30.04 23.23
N ALA A 495 -5.12 31.24 23.21
CA ALA A 495 -5.26 32.10 24.38
C ALA A 495 -6.72 32.13 24.80
N TYR A 496 -6.95 32.08 26.11
CA TYR A 496 -8.30 32.08 26.66
C TYR A 496 -8.31 33.06 27.82
N GLY A 497 -9.23 34.02 27.78
CA GLY A 497 -9.39 34.92 28.88
C GLY A 497 -10.83 34.99 29.34
N TYR A 498 -11.11 34.43 30.51
CA TYR A 498 -12.29 34.84 31.25
C TYR A 498 -12.27 36.36 31.33
N LYS A 499 -13.39 37.00 31.00
CA LYS A 499 -13.40 38.45 30.92
C LYS A 499 -14.65 38.96 31.64
N ARG A 500 -14.50 39.23 32.93
CA ARG A 500 -15.62 39.73 33.73
C ARG A 500 -15.80 41.23 33.57
N MET A 501 -15.89 41.68 32.32
CA MET A 501 -16.12 43.09 32.03
C MET A 501 -17.60 43.44 32.21
N PRO A 502 -18.54 42.77 31.54
CA PRO A 502 -19.95 43.09 31.77
C PRO A 502 -20.55 42.29 32.91
N ALA A 503 -21.52 42.89 33.57
CA ALA A 503 -22.20 42.27 34.69
C ALA A 503 -23.69 42.47 34.57
N ASP A 504 -24.45 41.38 34.73
CA ASP A 504 -25.92 41.35 34.68
C ASP A 504 -26.51 42.21 33.57
N THR A 505 -25.87 42.21 32.40
CA THR A 505 -26.41 42.91 31.24
C THR A 505 -27.29 41.95 30.43
N THR A 506 -28.24 42.52 29.69
CA THR A 506 -29.19 41.69 28.95
C THR A 506 -28.49 40.93 27.84
N GLU A 507 -27.55 41.57 27.14
CA GLU A 507 -26.82 40.90 26.07
C GLU A 507 -25.45 41.55 25.92
N LEU A 508 -24.48 40.74 25.54
CA LEU A 508 -23.11 41.20 25.40
C LEU A 508 -22.93 41.99 24.11
N LYS A 509 -22.25 43.13 24.19
CA LYS A 509 -22.07 44.00 23.05
C LYS A 509 -20.65 43.90 22.51
N LEU A 510 -20.50 44.33 21.24
CA LEU A 510 -19.20 44.30 20.60
C LEU A 510 -18.25 45.33 21.19
N GLU A 511 -18.80 46.43 21.74
CA GLU A 511 -17.96 47.46 22.30
C GLU A 511 -17.36 47.04 23.65
N ASP A 512 -18.10 46.23 24.41
CA ASP A 512 -17.67 45.83 25.75
C ASP A 512 -16.83 44.57 25.75
N GLU A 513 -16.18 44.24 24.64
CA GLU A 513 -15.25 43.11 24.60
C GLU A 513 -13.84 43.53 25.00
N GLN A 514 -13.64 44.78 25.38
CA GLN A 514 -12.34 45.27 25.82
C GLN A 514 -12.15 44.96 27.31
N ASP A 515 -10.99 45.35 27.84
CA ASP A 515 -10.59 45.06 29.21
C ASP A 515 -10.64 43.55 29.48
N ILE A 516 -9.86 42.82 28.67
CA ILE A 516 -9.80 41.37 28.75
C ILE A 516 -8.75 40.97 29.77
N VAL A 517 -9.04 39.91 30.52
CA VAL A 517 -8.15 39.41 31.56
C VAL A 517 -7.85 37.94 31.24
N LEU A 518 -6.65 37.67 30.73
CA LEU A 518 -6.32 36.38 30.12
C LEU A 518 -5.69 35.45 31.16
N VAL A 519 -6.15 34.20 31.18
CA VAL A 519 -5.72 33.23 32.19
C VAL A 519 -4.44 32.52 31.77
N GLY A 520 -4.49 31.74 30.68
CA GLY A 520 -3.33 30.98 30.28
C GLY A 520 -3.35 30.60 28.83
N LEU A 521 -2.20 30.09 28.36
CA LEU A 521 -2.02 29.69 26.97
C LEU A 521 -1.79 28.19 26.92
N THR A 522 -2.28 27.54 25.86
CA THR A 522 -2.03 26.10 25.73
C THR A 522 -1.52 25.79 24.34
N ALA A 523 -0.59 24.82 24.25
CA ALA A 523 0.01 24.44 22.97
C ALA A 523 -0.48 23.05 22.59
N MET A 524 -1.39 22.99 21.62
CA MET A 524 -1.92 21.72 21.13
C MET A 524 -1.31 21.41 19.76
N ILE A 525 -1.13 20.12 19.50
CA ILE A 525 -0.57 19.64 18.24
C ILE A 525 -1.06 18.23 18.01
N ASP A 526 -1.19 17.86 16.74
CA ASP A 526 -1.55 16.49 16.37
C ASP A 526 -0.34 15.59 16.55
N PRO A 527 -0.30 14.78 17.60
CA PRO A 527 0.93 14.08 17.96
C PRO A 527 1.06 12.77 17.22
N PRO A 528 2.28 12.30 16.98
CA PRO A 528 2.45 11.02 16.29
C PRO A 528 1.91 9.86 17.10
N ARG A 529 1.75 8.72 16.42
CA ARG A 529 1.28 7.51 17.07
C ARG A 529 2.27 7.07 18.14
N GLU A 530 1.75 6.41 19.18
CA GLU A 530 2.58 5.85 20.23
C GLU A 530 3.39 4.65 19.77
N ALA A 531 3.29 4.25 18.50
CA ALA A 531 3.99 3.09 17.97
C ALA A 531 4.79 3.40 16.71
N VAL A 532 4.89 4.67 16.31
CA VAL A 532 5.62 5.04 15.11
C VAL A 532 7.12 5.20 15.38
N TYR A 533 7.50 5.66 16.57
CA TYR A 533 8.89 5.98 16.84
C TYR A 533 9.81 4.78 16.70
N ALA A 534 9.32 3.57 16.99
CA ALA A 534 10.14 2.38 16.82
C ALA A 534 10.18 1.92 15.38
N SER A 535 9.10 2.14 14.63
CA SER A 535 9.03 1.74 13.22
C SER A 535 10.04 2.46 12.35
N ILE A 536 10.78 3.42 12.89
CA ILE A 536 11.76 4.18 12.13
C ILE A 536 13.17 3.66 12.34
N GLU A 537 13.56 3.43 13.60
CA GLU A 537 14.80 2.73 13.86
C GLU A 537 14.77 1.33 13.26
N GLU A 538 13.63 0.65 13.37
CA GLU A 538 13.50 -0.69 12.80
C GLU A 538 13.67 -0.68 11.29
N SER A 539 13.12 0.35 10.62
CA SER A 539 13.25 0.42 9.17
C SER A 539 14.64 0.85 8.73
N LYS A 540 15.31 1.71 9.51
CA LYS A 540 16.64 2.14 9.14
C LYS A 540 17.66 1.02 9.30
N LYS A 541 17.55 0.22 10.36
CA LYS A 541 18.45 -0.91 10.51
C LYS A 541 18.15 -2.04 9.54
N ALA A 542 16.95 -2.06 8.96
CA ALA A 542 16.57 -3.06 7.97
C ALA A 542 16.96 -2.67 6.55
N GLY A 543 17.56 -1.50 6.36
CA GLY A 543 17.97 -1.05 5.05
C GLY A 543 16.94 -0.24 4.29
N ILE A 544 15.89 0.24 4.96
CA ILE A 544 14.80 0.95 4.30
C ILE A 544 14.93 2.44 4.58
N ARG A 545 14.89 3.24 3.51
CA ARG A 545 14.87 4.69 3.65
C ARG A 545 13.44 5.16 3.81
N THR A 546 13.18 5.97 4.83
CA THR A 546 11.86 6.50 5.12
C THR A 546 11.73 7.93 4.61
N VAL A 547 10.56 8.27 4.10
CA VAL A 547 10.28 9.58 3.52
C VAL A 547 8.84 9.96 3.84
N MET A 548 8.64 11.19 4.30
CA MET A 548 7.31 11.70 4.62
C MET A 548 6.83 12.61 3.51
N ILE A 549 5.63 12.33 2.99
CA ILE A 549 5.01 13.12 1.93
C ILE A 549 3.68 13.64 2.49
N THR A 550 3.63 14.93 2.79
CA THR A 550 2.49 15.52 3.45
C THR A 550 1.98 16.73 2.67
N GLY A 551 0.74 17.11 2.97
CA GLY A 551 0.13 18.28 2.35
C GLY A 551 -0.26 19.35 3.35
N ASP A 552 0.37 19.35 4.51
CA ASP A 552 0.08 20.33 5.56
C ASP A 552 1.18 21.40 5.58
N HIS A 553 1.05 22.34 6.52
CA HIS A 553 2.01 23.42 6.65
C HIS A 553 3.42 22.87 6.86
N LYS A 554 4.41 23.63 6.39
CA LYS A 554 5.80 23.18 6.51
C LYS A 554 6.30 23.22 7.95
N THR A 555 5.74 24.07 8.80
CA THR A 555 6.22 24.14 10.19
C THR A 555 5.94 22.83 10.92
N THR A 556 4.67 22.41 10.95
CA THR A 556 4.34 21.15 11.62
C THR A 556 4.96 19.96 10.91
N ALA A 557 5.06 20.01 9.58
CA ALA A 557 5.64 18.90 8.84
C ALA A 557 7.14 18.78 9.08
N GLN A 558 7.84 19.90 9.29
CA GLN A 558 9.26 19.84 9.58
C GLN A 558 9.52 19.51 11.05
N ALA A 559 8.65 19.99 11.95
CA ALA A 559 8.79 19.64 13.36
C ALA A 559 8.56 18.15 13.57
N ILE A 560 7.41 17.65 13.14
CA ILE A 560 7.18 16.21 13.12
C ILE A 560 8.20 15.56 12.22
N GLY A 561 8.83 14.50 12.70
CA GLY A 561 9.88 13.87 11.92
C GLY A 561 11.25 14.14 12.51
N ARG A 562 11.48 15.36 13.00
CA ARG A 562 12.70 15.64 13.74
C ARG A 562 12.74 14.83 15.04
N ASP A 563 11.66 14.89 15.81
CA ASP A 563 11.50 14.00 16.95
C ASP A 563 11.51 12.54 16.51
N ILE A 564 10.85 12.24 15.39
CA ILE A 564 10.81 10.86 14.89
C ILE A 564 12.18 10.42 14.39
N GLY A 565 12.96 11.34 13.82
CA GLY A 565 14.27 11.02 13.33
C GLY A 565 14.35 10.73 11.84
N LEU A 566 13.29 10.97 11.09
CA LEU A 566 13.31 10.75 9.64
C LEU A 566 14.41 11.57 8.99
N MET A 567 14.30 12.89 9.09
CA MET A 567 15.31 13.80 8.57
C MET A 567 16.43 13.97 9.60
N ASP A 568 17.53 14.58 9.16
CA ASP A 568 18.64 14.86 10.05
C ASP A 568 18.26 15.98 11.03
N ALA A 569 19.16 16.24 11.98
CA ALA A 569 18.95 17.33 12.92
C ALA A 569 18.98 18.68 12.23
N ASP A 570 19.64 18.79 11.09
CA ASP A 570 19.75 20.04 10.33
C ASP A 570 19.47 19.77 8.85
N ASP A 571 18.25 19.30 8.57
CA ASP A 571 17.78 19.09 7.21
C ASP A 571 16.62 20.03 6.92
N ILE A 572 16.32 20.21 5.64
CA ILE A 572 15.33 21.18 5.20
C ILE A 572 14.31 20.49 4.30
N ALA A 573 13.05 20.90 4.42
CA ALA A 573 11.96 20.44 3.58
C ALA A 573 11.65 21.48 2.50
N LEU A 574 10.90 21.04 1.49
CA LEU A 574 10.47 21.91 0.40
C LEU A 574 8.95 21.93 0.31
N THR A 575 8.43 23.01 -0.25
CA THR A 575 6.99 23.18 -0.42
C THR A 575 6.51 22.47 -1.68
N GLY A 576 5.19 22.48 -1.86
CA GLY A 576 4.63 21.98 -3.10
C GLY A 576 4.83 22.92 -4.26
N GLN A 577 4.90 24.23 -3.99
CA GLN A 577 5.30 25.19 -5.01
C GLN A 577 6.71 24.89 -5.51
N GLU A 578 7.61 24.53 -4.59
CA GLU A 578 8.98 24.20 -4.98
C GLU A 578 9.03 22.96 -5.86
N LEU A 579 8.00 22.12 -5.82
CA LEU A 579 7.90 20.96 -6.71
C LEU A 579 7.11 21.25 -7.97
N ASP A 580 6.28 22.30 -7.97
CA ASP A 580 5.58 22.71 -9.18
C ASP A 580 6.52 23.30 -10.21
N ALA A 581 7.67 23.81 -9.81
CA ALA A 581 8.62 24.43 -10.72
C ALA A 581 9.87 23.60 -10.97
N MET A 582 10.08 22.53 -10.20
CA MET A 582 11.28 21.71 -10.37
C MET A 582 11.05 20.68 -11.47
N PRO A 583 11.86 20.69 -12.53
CA PRO A 583 11.73 19.67 -13.58
C PRO A 583 12.30 18.33 -13.11
N GLU A 584 12.32 17.37 -14.04
CA GLU A 584 12.78 16.02 -13.74
C GLU A 584 14.30 15.89 -13.80
N GLU A 585 14.98 16.81 -14.49
CA GLU A 585 16.42 16.68 -14.67
C GLU A 585 17.17 16.72 -13.34
N GLU A 586 16.91 17.74 -12.53
CA GLU A 586 17.59 17.89 -11.25
C GLU A 586 16.86 17.20 -10.10
N LEU A 587 15.59 16.84 -10.29
CA LEU A 587 14.83 16.22 -9.20
C LEU A 587 15.45 14.90 -8.79
N ASP A 588 15.96 14.13 -9.75
CA ASP A 588 16.56 12.83 -9.43
C ASP A 588 17.88 13.01 -8.67
N LYS A 589 18.60 14.10 -8.91
CA LYS A 589 19.77 14.38 -8.09
C LYS A 589 19.38 14.91 -6.72
N LYS A 590 18.22 15.57 -6.62
CA LYS A 590 17.69 15.99 -5.34
C LYS A 590 16.94 14.88 -4.62
N LEU A 591 16.49 13.86 -5.35
CA LEU A 591 15.62 12.83 -4.78
C LEU A 591 16.31 12.02 -3.69
N GLU A 592 17.63 12.02 -3.64
CA GLU A 592 18.34 11.30 -2.59
C GLU A 592 18.53 12.13 -1.33
N HIS A 593 18.27 13.44 -1.39
CA HIS A 593 18.34 14.32 -0.23
C HIS A 593 17.03 15.07 -0.02
N ILE A 594 15.92 14.51 -0.50
CA ILE A 594 14.64 15.18 -0.35
C ILE A 594 14.20 15.19 1.11
N ALA A 595 14.59 14.17 1.89
CA ALA A 595 14.18 14.01 3.28
C ALA A 595 12.66 13.95 3.41
N VAL A 596 12.05 15.06 3.80
CA VAL A 596 10.62 15.15 4.06
C VAL A 596 10.03 16.30 3.25
N TYR A 597 8.84 16.09 2.70
CA TYR A 597 8.14 17.11 1.94
C TYR A 597 7.16 17.86 2.84
N ALA A 598 6.43 18.80 2.25
CA ALA A 598 5.45 19.60 2.96
C ALA A 598 4.59 20.37 1.96
N ARG A 599 3.29 20.46 2.26
CA ARG A 599 2.35 21.26 1.47
C ARG A 599 2.35 20.82 0.00
N VAL A 600 2.25 19.51 -0.22
CA VAL A 600 2.29 18.95 -1.55
C VAL A 600 0.86 18.71 -2.04
N SER A 601 0.72 18.66 -3.36
CA SER A 601 -0.55 18.35 -3.99
C SER A 601 -0.65 16.86 -4.26
N PRO A 602 -1.84 16.35 -4.62
CA PRO A 602 -1.93 14.92 -4.98
C PRO A 602 -0.96 14.52 -6.09
N GLU A 603 -0.89 15.34 -7.15
CA GLU A 603 0.03 15.03 -8.25
C GLU A 603 1.47 15.04 -7.77
N ASN A 604 1.79 15.80 -6.72
CA ASN A 604 3.15 15.78 -6.19
C ASN A 604 3.46 14.42 -5.54
N LYS A 605 2.48 13.82 -4.86
CA LYS A 605 2.69 12.50 -4.26
C LYS A 605 2.94 11.46 -5.33
N ILE A 606 2.07 11.42 -6.34
CA ILE A 606 2.29 10.44 -7.42
C ILE A 606 3.60 10.74 -8.15
N ARG A 607 4.00 12.01 -8.19
CA ARG A 607 5.25 12.40 -8.82
C ARG A 607 6.44 11.79 -8.09
N ILE A 608 6.46 11.92 -6.76
CA ILE A 608 7.58 11.40 -5.99
C ILE A 608 7.66 9.88 -6.12
N VAL A 609 6.49 9.21 -6.09
CA VAL A 609 6.51 7.75 -6.23
C VAL A 609 7.09 7.35 -7.59
N LYS A 610 6.65 8.03 -8.66
CA LYS A 610 7.15 7.73 -9.99
C LYS A 610 8.66 7.97 -10.09
N ALA A 611 9.13 9.08 -9.50
CA ALA A 611 10.55 9.40 -9.56
C ALA A 611 11.38 8.34 -8.85
N TRP A 612 10.94 7.92 -7.65
CA TRP A 612 11.67 6.88 -6.93
C TRP A 612 11.70 5.58 -7.72
N GLN A 613 10.59 5.24 -8.41
CA GLN A 613 10.61 4.05 -9.25
C GLN A 613 11.66 4.16 -10.35
N LYS A 614 11.75 5.32 -11.00
CA LYS A 614 12.76 5.51 -12.04
C LYS A 614 14.17 5.44 -11.47
N LYS A 615 14.32 5.78 -10.18
CA LYS A 615 15.64 5.72 -9.56
C LYS A 615 16.18 4.29 -9.47
N GLY A 616 15.31 3.28 -9.52
CA GLY A 616 15.71 1.89 -9.40
C GLY A 616 15.32 1.25 -8.09
N LYS A 617 14.76 2.01 -7.16
CA LYS A 617 14.30 1.49 -5.88
C LYS A 617 12.81 1.20 -5.95
N ILE A 618 12.41 0.02 -5.49
CA ILE A 618 11.00 -0.36 -5.43
C ILE A 618 10.42 0.13 -4.11
N THR A 619 9.33 0.88 -4.18
CA THR A 619 8.85 1.69 -3.07
C THR A 619 7.47 1.25 -2.61
N ALA A 620 7.03 1.86 -1.50
CA ALA A 620 5.73 1.60 -0.91
C ALA A 620 5.15 2.89 -0.37
N MET A 621 3.83 3.01 -0.42
CA MET A 621 3.12 4.23 -0.02
C MET A 621 2.09 3.89 1.05
N THR A 622 2.06 4.69 2.11
CA THR A 622 1.08 4.51 3.20
C THR A 622 0.40 5.85 3.46
N GLY A 623 -0.92 5.90 3.28
CA GLY A 623 -1.69 7.11 3.54
C GLY A 623 -3.14 6.76 3.78
N ASP A 624 -3.90 7.75 4.31
CA ASP A 624 -5.24 7.45 4.80
C ASP A 624 -6.38 8.18 4.12
N GLY A 625 -6.15 9.39 3.58
CA GLY A 625 -7.24 10.19 3.06
C GLY A 625 -7.63 9.83 1.63
N VAL A 626 -8.13 10.84 0.91
CA VAL A 626 -8.32 10.70 -0.53
C VAL A 626 -7.07 11.12 -1.30
N ASN A 627 -6.37 12.14 -0.83
CA ASN A 627 -5.19 12.70 -1.49
C ASN A 627 -4.01 11.73 -1.56
N ASP A 628 -4.17 10.46 -1.16
CA ASP A 628 -3.11 9.47 -1.27
C ASP A 628 -3.39 8.39 -2.30
N ALA A 629 -4.65 8.27 -2.76
CA ALA A 629 -4.99 7.24 -3.74
C ALA A 629 -4.16 7.29 -5.01
N PRO A 630 -3.81 8.46 -5.58
CA PRO A 630 -2.88 8.43 -6.73
C PRO A 630 -1.56 7.75 -6.40
N ALA A 631 -0.92 8.15 -5.29
CA ALA A 631 0.34 7.54 -4.92
C ALA A 631 0.18 6.06 -4.60
N LEU A 632 -0.97 5.67 -4.03
CA LEU A 632 -1.20 4.27 -3.72
C LEU A 632 -1.29 3.42 -4.98
N LYS A 633 -2.17 3.80 -5.91
CA LYS A 633 -2.33 3.04 -7.14
C LYS A 633 -1.06 3.04 -7.98
N GLN A 634 -0.30 4.14 -7.96
CA GLN A 634 0.93 4.20 -8.72
C GLN A 634 2.06 3.42 -8.05
N ALA A 635 2.09 3.40 -6.72
CA ALA A 635 3.14 2.66 -6.02
C ALA A 635 3.01 1.17 -6.29
N ASP A 636 4.10 0.46 -6.00
CA ASP A 636 4.11 -1.00 -6.19
C ASP A 636 3.06 -1.67 -5.32
N ILE A 637 2.95 -1.24 -4.06
CA ILE A 637 1.87 -1.63 -3.17
C ILE A 637 1.43 -0.41 -2.38
N GLY A 638 0.16 -0.38 -2.02
CA GLY A 638 -0.40 0.71 -1.23
C GLY A 638 -0.94 0.18 0.09
N VAL A 639 -0.66 0.92 1.16
CA VAL A 639 -1.14 0.59 2.50
C VAL A 639 -2.04 1.71 2.97
N ALA A 640 -3.30 1.38 3.24
CA ALA A 640 -4.27 2.35 3.72
C ALA A 640 -4.51 2.16 5.21
N MET A 641 -4.87 3.25 5.89
CA MET A 641 -5.11 3.20 7.32
C MET A 641 -6.50 2.63 7.60
N GLY A 642 -6.75 2.34 8.88
CA GLY A 642 -8.06 1.81 9.26
C GLY A 642 -9.14 2.87 9.22
N SER A 643 -8.86 4.04 9.80
CA SER A 643 -9.81 5.14 9.81
C SER A 643 -9.83 5.91 8.51
N GLY A 644 -9.05 5.50 7.51
CA GLY A 644 -9.01 6.21 6.26
C GLY A 644 -10.27 6.02 5.43
N THR A 645 -10.50 6.97 4.54
CA THR A 645 -11.70 6.94 3.71
C THR A 645 -11.63 5.76 2.74
N ASP A 646 -12.80 5.39 2.22
CA ASP A 646 -12.91 4.22 1.37
C ASP A 646 -12.16 4.38 0.05
N VAL A 647 -11.84 5.62 -0.35
CA VAL A 647 -11.09 5.82 -1.60
C VAL A 647 -9.72 5.16 -1.50
N ALA A 648 -8.96 5.52 -0.47
CA ALA A 648 -7.65 4.89 -0.26
C ALA A 648 -7.78 3.42 0.06
N LYS A 649 -8.84 3.03 0.77
CA LYS A 649 -9.01 1.63 1.15
C LYS A 649 -9.20 0.74 -0.08
N ASP A 650 -9.93 1.24 -1.07
CA ASP A 650 -10.16 0.48 -2.29
C ASP A 650 -9.06 0.67 -3.33
N SER A 651 -8.26 1.72 -3.21
CA SER A 651 -7.14 1.96 -4.12
C SER A 651 -5.81 1.43 -3.60
N ALA A 652 -5.82 0.74 -2.46
CA ALA A 652 -4.60 0.20 -1.87
C ALA A 652 -4.62 -1.32 -1.88
N ALA A 653 -3.43 -1.91 -1.99
CA ALA A 653 -3.31 -3.37 -1.99
C ALA A 653 -3.47 -3.94 -0.58
N MET A 654 -2.85 -3.30 0.41
CA MET A 654 -2.96 -3.70 1.81
C MET A 654 -3.73 -2.65 2.58
N ILE A 655 -4.55 -3.11 3.53
CA ILE A 655 -5.34 -2.22 4.38
C ILE A 655 -5.21 -2.73 5.81
N LEU A 656 -4.49 -1.98 6.65
CA LEU A 656 -4.44 -2.26 8.07
C LEU A 656 -5.60 -1.56 8.76
N THR A 657 -6.19 -2.25 9.74
CA THR A 657 -7.43 -1.78 10.36
C THR A 657 -7.26 -1.30 11.79
N ASP A 658 -6.14 -1.58 12.43
CA ASP A 658 -5.92 -1.20 13.82
C ASP A 658 -5.08 0.06 13.98
N ASP A 659 -4.67 0.69 12.88
CA ASP A 659 -3.82 1.88 12.86
C ASP A 659 -2.49 1.68 13.58
N ASN A 660 -2.13 0.43 13.88
CA ASN A 660 -0.85 0.13 14.52
C ASN A 660 0.23 0.14 13.45
N PHE A 661 1.03 1.21 13.42
CA PHE A 661 2.03 1.38 12.38
C PHE A 661 3.17 0.38 12.49
N VAL A 662 3.36 -0.22 13.66
CA VAL A 662 4.40 -1.24 13.83
C VAL A 662 4.24 -2.33 12.78
N SER A 663 2.99 -2.74 12.53
CA SER A 663 2.69 -3.81 11.59
C SER A 663 3.23 -3.53 10.18
N ILE A 664 3.59 -2.28 9.88
CA ILE A 664 4.20 -1.98 8.59
C ILE A 664 5.59 -2.60 8.50
N VAL A 665 6.46 -2.30 9.47
CA VAL A 665 7.81 -2.84 9.43
C VAL A 665 7.78 -4.36 9.57
N ASP A 666 6.90 -4.86 10.45
CA ASP A 666 6.74 -6.30 10.60
C ASP A 666 6.34 -6.96 9.29
N ALA A 667 5.75 -6.18 8.37
CA ALA A 667 5.38 -6.72 7.08
C ALA A 667 6.61 -7.01 6.23
N VAL A 668 7.59 -6.10 6.23
CA VAL A 668 8.80 -6.31 5.43
C VAL A 668 9.52 -7.57 5.87
N GLY A 669 9.64 -7.76 7.19
CA GLY A 669 10.25 -8.99 7.71
C GLY A 669 9.56 -10.23 7.20
N VAL A 670 8.24 -10.17 7.02
CA VAL A 670 7.53 -11.31 6.45
C VAL A 670 7.78 -11.39 4.95
N GLY A 671 7.79 -10.24 4.28
CA GLY A 671 8.00 -10.18 2.85
C GLY A 671 9.25 -10.91 2.44
N ARG A 672 10.40 -10.46 2.96
CA ARG A 672 11.67 -11.11 2.65
C ARG A 672 11.65 -12.59 2.99
N THR A 673 10.85 -12.99 3.98
CA THR A 673 10.73 -14.42 4.30
C THR A 673 10.00 -15.16 3.18
N VAL A 674 8.82 -14.66 2.79
CA VAL A 674 8.02 -15.33 1.77
C VAL A 674 8.86 -15.58 0.53
N PHE A 675 9.47 -14.51 0.00
CA PHE A 675 10.34 -14.64 -1.16
C PHE A 675 11.43 -15.67 -0.91
N ASP A 676 12.13 -15.56 0.23
CA ASP A 676 13.21 -16.48 0.54
C ASP A 676 12.74 -17.93 0.53
N ASN A 677 11.46 -18.17 0.83
CA ASN A 677 10.94 -19.53 0.76
C ASN A 677 10.63 -19.91 -0.68
N ILE A 678 9.93 -19.04 -1.42
CA ILE A 678 9.62 -19.32 -2.81
C ILE A 678 10.90 -19.59 -3.60
N LYS A 679 11.94 -18.79 -3.34
CA LYS A 679 13.24 -19.01 -3.97
C LYS A 679 13.72 -20.44 -3.74
N LYS A 680 13.70 -20.89 -2.48
CA LYS A 680 14.11 -22.25 -2.17
C LYS A 680 13.02 -23.26 -2.51
N SER A 681 11.79 -22.82 -2.76
CA SER A 681 10.76 -23.74 -3.24
C SER A 681 10.90 -23.95 -4.75
N ILE A 682 10.88 -22.85 -5.51
CA ILE A 682 11.03 -22.91 -6.96
C ILE A 682 12.27 -23.71 -7.32
N ALA A 683 13.39 -23.40 -6.68
CA ALA A 683 14.63 -24.16 -6.82
C ALA A 683 14.38 -25.65 -6.74
N TYR A 684 13.80 -26.09 -5.63
CA TYR A 684 13.51 -27.51 -5.46
C TYR A 684 12.65 -28.03 -6.60
N LEU A 685 11.63 -27.26 -6.98
CA LEU A 685 10.72 -27.73 -8.02
C LEU A 685 11.40 -27.72 -9.38
N PHE A 686 12.37 -26.81 -9.58
CA PHE A 686 12.97 -26.72 -10.91
C PHE A 686 14.14 -27.68 -11.05
N ALA A 687 14.91 -27.86 -9.98
CA ALA A 687 16.01 -28.82 -10.01
C ALA A 687 15.49 -30.21 -10.40
N GLY A 688 14.40 -30.65 -9.76
CA GLY A 688 13.79 -31.91 -10.13
C GLY A 688 13.36 -31.96 -11.57
N ASN A 689 13.00 -30.81 -12.15
CA ASN A 689 12.72 -30.75 -13.58
C ASN A 689 13.97 -30.97 -14.40
N LEU A 690 15.06 -30.27 -14.06
CA LEU A 690 16.30 -30.40 -14.81
C LEU A 690 16.81 -31.84 -14.79
N GLY A 691 16.75 -32.49 -13.63
CA GLY A 691 17.16 -33.88 -13.55
C GLY A 691 16.34 -34.79 -14.45
N ALA A 692 15.07 -34.46 -14.66
CA ALA A 692 14.26 -35.22 -15.60
C ALA A 692 14.71 -35.00 -17.04
N ILE A 693 15.26 -33.82 -17.33
CA ILE A 693 15.76 -33.54 -18.68
C ILE A 693 17.09 -34.24 -18.92
N ILE A 694 18.00 -34.17 -17.95
CA ILE A 694 19.30 -34.83 -18.08
C ILE A 694 19.12 -36.32 -18.32
N ALA A 695 18.08 -36.92 -17.77
CA ALA A 695 17.83 -38.34 -17.99
C ALA A 695 17.25 -38.60 -19.37
N ILE A 696 16.45 -37.66 -19.91
CA ILE A 696 15.88 -37.86 -21.23
C ILE A 696 16.96 -37.71 -22.30
N LEU A 697 17.75 -36.63 -22.21
CA LEU A 697 18.75 -36.37 -23.24
C LEU A 697 19.76 -37.50 -23.35
N PHE A 698 20.14 -38.09 -22.21
CA PHE A 698 21.09 -39.20 -22.25
C PHE A 698 20.52 -40.38 -23.01
N ALA A 699 19.21 -40.60 -22.91
CA ALA A 699 18.58 -41.68 -23.66
C ALA A 699 18.51 -41.39 -25.15
N LEU A 700 18.66 -40.12 -25.54
CA LEU A 700 18.66 -39.79 -26.96
C LEU A 700 20.04 -39.96 -27.57
N VAL A 701 21.09 -39.58 -26.83
CA VAL A 701 22.45 -39.70 -27.34
C VAL A 701 22.95 -41.13 -27.31
N LEU A 702 22.31 -42.01 -26.55
CA LEU A 702 22.59 -43.43 -26.57
C LEU A 702 21.50 -44.24 -27.25
N ASP A 703 20.46 -43.57 -27.76
CA ASP A 703 19.35 -44.21 -28.50
C ASP A 703 18.69 -45.28 -27.64
N TRP A 704 18.32 -44.91 -26.42
CA TRP A 704 17.49 -45.74 -25.57
C TRP A 704 16.05 -45.23 -25.62
N ILE A 705 15.11 -46.11 -25.26
CA ILE A 705 13.74 -45.68 -25.06
C ILE A 705 13.73 -44.62 -23.98
N ASN A 706 13.11 -43.46 -24.29
CA ASN A 706 13.17 -42.33 -23.39
C ASN A 706 12.71 -42.74 -22.00
N PRO A 707 13.47 -42.44 -20.94
CA PRO A 707 13.20 -43.06 -19.63
C PRO A 707 11.84 -42.71 -19.06
N PHE A 708 11.19 -41.67 -19.58
CA PHE A 708 9.89 -41.24 -19.09
C PHE A 708 8.93 -41.12 -20.25
N THR A 709 7.64 -41.17 -19.94
CA THR A 709 6.59 -41.00 -20.92
C THR A 709 5.68 -39.83 -20.50
N ALA A 710 4.80 -39.43 -21.40
CA ALA A 710 3.80 -38.44 -21.03
C ALA A 710 2.80 -39.05 -20.06
N LEU A 711 2.10 -38.16 -19.32
CA LEU A 711 1.19 -38.51 -18.24
C LEU A 711 1.96 -38.97 -17.00
N GLN A 712 3.21 -39.36 -17.19
CA GLN A 712 4.11 -39.76 -16.11
C GLN A 712 4.82 -38.54 -15.52
N LEU A 713 5.62 -37.86 -16.35
CA LEU A 713 6.23 -36.60 -15.96
C LEU A 713 5.18 -35.60 -15.51
N LEU A 714 4.06 -35.56 -16.20
CA LEU A 714 2.94 -34.70 -15.83
C LEU A 714 2.51 -34.96 -14.39
N PHE A 715 2.29 -36.24 -14.06
CA PHE A 715 1.87 -36.61 -12.71
C PHE A 715 2.94 -36.26 -11.68
N ILE A 716 4.22 -36.35 -12.04
CA ILE A 716 5.27 -35.99 -11.08
C ILE A 716 5.25 -34.50 -10.82
N ASN A 717 5.02 -33.69 -11.86
CA ASN A 717 5.11 -32.24 -11.71
C ASN A 717 3.90 -31.66 -10.98
N LEU A 718 2.69 -31.89 -11.49
CA LEU A 718 1.55 -31.16 -10.95
C LEU A 718 0.94 -31.80 -9.71
N VAL A 719 1.22 -33.07 -9.43
CA VAL A 719 0.65 -33.78 -8.28
C VAL A 719 1.71 -34.18 -7.27
N ASN A 720 2.81 -34.80 -7.73
CA ASN A 720 3.75 -35.43 -6.81
C ASN A 720 4.56 -34.39 -6.05
N ASP A 721 5.34 -33.56 -6.77
CA ASP A 721 6.21 -32.59 -6.11
C ASP A 721 5.46 -31.34 -5.65
N SER A 722 4.18 -31.21 -6.00
CA SER A 722 3.42 -30.04 -5.60
C SER A 722 3.29 -29.95 -4.08
N LEU A 723 3.39 -31.07 -3.38
CA LEU A 723 3.29 -31.07 -1.93
C LEU A 723 4.62 -30.67 -1.28
N PRO A 724 5.76 -31.27 -1.66
CA PRO A 724 7.03 -30.85 -1.03
C PRO A 724 7.41 -29.42 -1.35
N ALA A 725 7.04 -28.89 -2.53
CA ALA A 725 7.33 -27.49 -2.80
C ALA A 725 6.66 -26.58 -1.80
N ILE A 726 5.36 -26.81 -1.56
CA ILE A 726 4.63 -26.04 -0.55
C ILE A 726 5.23 -26.24 0.82
N ALA A 727 5.61 -27.49 1.14
CA ALA A 727 6.22 -27.78 2.44
C ALA A 727 7.48 -26.94 2.66
N LEU A 728 8.34 -26.86 1.64
CA LEU A 728 9.50 -25.97 1.73
C LEU A 728 9.09 -24.51 1.86
N GLY A 729 7.97 -24.13 1.23
CA GLY A 729 7.44 -22.79 1.44
C GLY A 729 7.16 -22.51 2.90
N MET A 730 6.75 -23.54 3.64
CA MET A 730 6.41 -23.40 5.06
C MET A 730 7.64 -23.31 5.99
N GLU A 731 8.84 -23.12 5.46
CA GLU A 731 10.04 -23.12 6.29
C GLU A 731 10.09 -21.89 7.19
N LYS A 732 10.88 -21.99 8.26
CA LYS A 732 11.02 -20.92 9.22
C LYS A 732 11.89 -19.79 8.67
N ALA A 733 11.72 -18.61 9.24
CA ALA A 733 12.47 -17.43 8.85
C ALA A 733 13.79 -17.36 9.61
N GLU A 734 14.83 -16.90 8.94
CA GLU A 734 16.14 -16.77 9.56
C GLU A 734 16.23 -15.45 10.32
N PRO A 735 16.79 -15.46 11.54
CA PRO A 735 16.93 -14.20 12.30
C PRO A 735 17.80 -13.17 11.61
N ASP A 736 18.67 -13.58 10.68
CA ASP A 736 19.50 -12.66 9.92
C ASP A 736 18.74 -11.99 8.78
N VAL A 737 17.45 -12.28 8.62
CA VAL A 737 16.69 -11.73 7.50
C VAL A 737 16.47 -10.23 7.66
N MET A 738 16.26 -9.76 8.90
CA MET A 738 15.91 -8.36 9.11
C MET A 738 17.07 -7.43 8.76
N LYS A 739 18.29 -7.78 9.17
CA LYS A 739 19.43 -6.90 8.94
C LYS A 739 19.87 -6.86 7.48
N ARG A 740 19.57 -7.90 6.70
CA ARG A 740 20.02 -7.96 5.33
C ARG A 740 19.48 -6.79 4.52
N LYS A 741 20.34 -6.24 3.66
CA LYS A 741 19.95 -5.11 2.82
C LYS A 741 18.80 -5.51 1.89
N PRO A 742 17.97 -4.56 1.47
CA PRO A 742 16.83 -4.89 0.61
C PRO A 742 17.29 -5.57 -0.69
N ARG A 743 16.62 -6.67 -1.02
CA ARG A 743 16.96 -7.43 -2.20
C ARG A 743 16.70 -6.60 -3.46
N ASP A 744 17.72 -6.48 -4.30
CA ASP A 744 17.61 -5.65 -5.50
C ASP A 744 16.59 -6.23 -6.48
N ILE A 745 15.91 -5.33 -7.19
CA ILE A 745 14.92 -5.71 -8.18
C ILE A 745 15.54 -6.31 -9.44
N ASN A 746 16.86 -6.18 -9.61
CA ASN A 746 17.53 -6.62 -10.82
C ASN A 746 18.11 -8.03 -10.74
N GLU A 747 18.43 -8.52 -9.55
CA GLU A 747 19.03 -9.85 -9.43
C GLU A 747 18.04 -10.93 -9.82
N GLY A 748 18.58 -12.05 -10.29
CA GLY A 748 17.75 -13.18 -10.69
C GLY A 748 17.15 -13.89 -9.51
N ILE A 749 16.29 -14.87 -9.82
CA ILE A 749 15.67 -15.67 -8.77
C ILE A 749 16.71 -16.56 -8.09
N PHE A 750 17.57 -17.19 -8.87
CA PHE A 750 18.57 -18.11 -8.35
C PHE A 750 19.88 -17.41 -7.99
N ALA A 751 19.91 -16.08 -8.07
CA ALA A 751 21.12 -15.34 -7.71
C ALA A 751 21.34 -15.40 -6.20
N GLY A 752 22.60 -15.49 -5.81
CA GLY A 752 22.97 -15.61 -4.42
C GLY A 752 23.50 -16.97 -4.01
N GLY A 753 24.01 -17.78 -4.95
CA GLY A 753 24.48 -19.10 -4.64
C GLY A 753 23.46 -20.20 -4.82
N THR A 754 22.18 -19.85 -4.98
CA THR A 754 21.14 -20.87 -5.16
C THR A 754 21.29 -21.57 -6.50
N MET A 755 21.73 -20.86 -7.54
CA MET A 755 21.86 -21.46 -8.87
C MET A 755 22.79 -22.67 -8.86
N ARG A 756 23.92 -22.55 -8.15
CA ARG A 756 24.85 -23.67 -8.06
C ARG A 756 24.21 -24.85 -7.34
N ALA A 757 23.39 -24.57 -6.33
CA ALA A 757 22.70 -25.65 -5.64
C ALA A 757 21.68 -26.32 -6.54
N VAL A 758 20.97 -25.54 -7.35
CA VAL A 758 19.97 -26.09 -8.25
C VAL A 758 20.63 -27.02 -9.26
N ILE A 759 21.76 -26.57 -9.85
CA ILE A 759 22.40 -27.42 -10.85
C ILE A 759 23.01 -28.66 -10.19
N SER A 760 23.57 -28.53 -8.98
CA SER A 760 24.13 -29.69 -8.30
C SER A 760 23.06 -30.75 -8.05
N ARG A 761 21.98 -30.37 -7.38
CA ARG A 761 20.92 -31.33 -7.07
C ARG A 761 20.27 -31.89 -8.34
N GLY A 762 20.02 -31.01 -9.33
CA GLY A 762 19.42 -31.47 -10.57
C GLY A 762 20.31 -32.40 -11.36
N VAL A 763 21.62 -32.24 -11.26
CA VAL A 763 22.51 -33.18 -11.94
C VAL A 763 22.48 -34.52 -11.23
N LEU A 764 22.51 -34.53 -9.90
CA LEU A 764 22.53 -35.80 -9.17
C LEU A 764 21.27 -36.61 -9.41
N ILE A 765 20.11 -35.95 -9.44
CA ILE A 765 18.85 -36.64 -9.75
C ILE A 765 18.98 -37.40 -11.07
N GLY A 766 19.28 -36.66 -12.14
CA GLY A 766 19.33 -37.27 -13.47
C GLY A 766 20.41 -38.33 -13.61
N ILE A 767 21.55 -38.16 -12.93
CA ILE A 767 22.61 -39.16 -13.00
C ILE A 767 22.11 -40.49 -12.44
N ALA A 768 21.49 -40.44 -11.25
CA ALA A 768 20.93 -41.66 -10.68
C ALA A 768 19.88 -42.28 -11.58
N VAL A 769 19.03 -41.45 -12.17
CA VAL A 769 17.96 -41.96 -13.03
C VAL A 769 18.55 -42.67 -14.26
N ILE A 770 19.59 -42.10 -14.85
CA ILE A 770 20.23 -42.72 -16.00
C ILE A 770 20.79 -44.09 -15.63
N ILE A 771 21.44 -44.19 -14.46
CA ILE A 771 21.99 -45.48 -14.05
C ILE A 771 20.89 -46.53 -13.91
N SER A 772 19.76 -46.13 -13.30
CA SER A 772 18.66 -47.07 -13.14
C SER A 772 18.10 -47.51 -14.49
N GLN A 773 18.00 -46.57 -15.44
CA GLN A 773 17.55 -46.95 -16.78
C GLN A 773 18.52 -47.91 -17.43
N TYR A 774 19.82 -47.76 -17.19
CA TYR A 774 20.79 -48.72 -17.73
C TYR A 774 20.54 -50.12 -17.19
N ILE A 775 20.35 -50.24 -15.87
CA ILE A 775 20.09 -51.55 -15.27
C ILE A 775 18.82 -52.16 -15.89
N GLY A 776 17.74 -51.40 -15.90
CA GLY A 776 16.50 -51.89 -16.48
C GLY A 776 16.65 -52.26 -17.95
N MET A 777 17.43 -51.47 -18.69
CA MET A 777 17.67 -51.75 -20.10
C MET A 777 18.36 -53.09 -20.28
N GLN A 778 19.30 -53.43 -19.37
CA GLN A 778 19.88 -54.76 -19.42
C GLN A 778 18.82 -55.83 -19.19
N ILE A 779 17.88 -55.57 -18.28
CA ILE A 779 16.83 -56.56 -18.03
C ILE A 779 15.86 -56.61 -19.22
N SER A 780 15.18 -55.50 -19.51
CA SER A 780 14.27 -55.41 -20.65
C SER A 780 13.93 -53.96 -20.95
N PRO A 781 13.56 -53.62 -22.19
CA PRO A 781 13.23 -52.21 -22.49
C PRO A 781 12.07 -51.66 -21.67
N GLU A 782 11.06 -52.49 -21.39
CA GLU A 782 9.95 -52.05 -20.56
C GLU A 782 10.41 -51.71 -19.14
N MET A 783 11.39 -52.46 -18.62
CA MET A 783 11.85 -52.26 -17.25
C MET A 783 12.53 -50.91 -17.10
N SER A 784 13.44 -50.58 -18.02
CA SER A 784 14.23 -49.35 -17.94
C SER A 784 13.36 -48.13 -17.71
N VAL A 785 12.25 -48.03 -18.43
CA VAL A 785 11.30 -46.93 -18.22
C VAL A 785 10.85 -46.89 -16.76
N ALA A 786 10.45 -48.05 -16.23
CA ALA A 786 9.87 -48.09 -14.89
C ALA A 786 10.91 -47.77 -13.83
N MET A 787 12.11 -48.34 -13.96
CA MET A 787 13.15 -48.12 -12.97
C MET A 787 13.59 -46.66 -12.97
N ALA A 788 13.72 -46.06 -14.16
CA ALA A 788 14.07 -44.65 -14.25
C ALA A 788 13.00 -43.78 -13.60
N PHE A 789 11.73 -44.10 -13.84
CA PHE A 789 10.65 -43.32 -13.24
C PHE A 789 10.64 -43.45 -11.72
N THR A 790 10.82 -44.68 -11.21
CA THR A 790 10.92 -44.88 -9.78
C THR A 790 12.02 -44.01 -9.19
N THR A 791 13.19 -44.01 -9.83
CA THR A 791 14.30 -43.20 -9.33
C THR A 791 13.97 -41.72 -9.35
N LEU A 792 13.29 -41.24 -10.39
CA LEU A 792 12.96 -39.82 -10.47
C LEU A 792 11.94 -39.43 -9.41
N ILE A 793 10.82 -40.15 -9.34
CA ILE A 793 9.75 -39.79 -8.42
C ILE A 793 10.18 -40.01 -6.98
N LEU A 794 11.23 -40.81 -6.73
CA LEU A 794 11.71 -40.96 -5.36
C LEU A 794 12.83 -39.97 -5.03
N ALA A 795 13.68 -39.63 -6.00
CA ALA A 795 14.77 -38.70 -5.74
C ALA A 795 14.24 -37.27 -5.62
N ARG A 796 13.25 -36.90 -6.43
CA ARG A 796 12.62 -35.59 -6.24
C ARG A 796 11.88 -35.51 -4.91
N THR A 797 11.30 -36.62 -4.47
CA THR A 797 10.63 -36.65 -3.16
C THR A 797 11.64 -36.48 -2.03
N LEU A 798 12.70 -37.30 -2.02
CA LEU A 798 13.70 -37.23 -0.97
C LEU A 798 14.58 -35.99 -1.08
N GLN A 799 14.58 -35.31 -2.24
CA GLN A 799 15.37 -34.10 -2.39
C GLN A 799 14.96 -33.02 -1.41
N THR A 800 13.74 -33.09 -0.88
CA THR A 800 13.26 -32.06 0.03
C THR A 800 14.22 -31.85 1.21
N PHE A 801 14.79 -32.93 1.73
CA PHE A 801 15.71 -32.81 2.86
C PHE A 801 16.95 -32.02 2.49
N ALA A 802 17.55 -32.32 1.34
CA ALA A 802 18.70 -31.57 0.84
C ALA A 802 18.32 -30.19 0.30
N ALA A 803 17.03 -29.94 0.10
CA ALA A 803 16.53 -28.70 -0.47
C ALA A 803 15.87 -27.81 0.55
N ARG A 804 15.87 -28.20 1.82
CA ARG A 804 15.36 -27.33 2.87
C ARG A 804 16.21 -26.07 2.99
N SER A 805 17.52 -26.20 2.79
CA SER A 805 18.41 -25.05 2.84
C SER A 805 19.64 -25.35 2.00
N ASN A 806 19.99 -24.42 1.11
CA ASN A 806 21.16 -24.58 0.26
C ASN A 806 22.47 -24.37 1.00
N VAL A 807 22.42 -23.87 2.24
CA VAL A 807 23.62 -23.58 3.01
C VAL A 807 23.81 -24.50 4.21
N GLN A 808 22.84 -25.38 4.50
CA GLN A 808 22.92 -26.27 5.65
C GLN A 808 22.38 -27.64 5.28
N THR A 809 22.82 -28.64 6.04
CA THR A 809 22.37 -30.01 5.86
C THR A 809 21.06 -30.24 6.61
N ALA A 810 20.36 -31.32 6.24
CA ALA A 810 19.13 -31.67 6.94
C ALA A 810 19.38 -31.94 8.41
N PHE A 811 20.36 -32.80 8.71
CA PHE A 811 20.76 -33.03 10.09
C PHE A 811 21.43 -31.79 10.66
N GLY A 812 21.11 -31.48 11.92
CA GLY A 812 21.62 -30.29 12.56
C GLY A 812 20.83 -29.03 12.32
N ALA A 813 19.99 -29.02 11.28
CA ALA A 813 19.08 -27.90 11.02
C ALA A 813 17.65 -28.24 11.42
N GLY A 814 17.46 -29.28 12.23
CA GLY A 814 16.13 -29.74 12.57
C GLY A 814 15.57 -30.68 11.52
N PHE A 815 15.97 -31.95 11.59
CA PHE A 815 15.47 -32.94 10.64
C PHE A 815 13.95 -33.04 10.72
N PHE A 816 13.40 -33.11 11.93
CA PHE A 816 11.96 -33.16 12.14
C PHE A 816 11.37 -31.79 12.46
N SER A 817 12.12 -30.71 12.21
CA SER A 817 11.66 -29.38 12.57
C SER A 817 10.42 -28.98 11.77
N ASN A 818 10.47 -29.15 10.46
CA ASN A 818 9.36 -28.79 9.58
C ASN A 818 8.41 -29.99 9.49
N LYS A 819 7.27 -29.89 10.16
CA LYS A 819 6.30 -30.98 10.10
C LYS A 819 5.77 -31.18 8.68
N TYR A 820 5.71 -30.11 7.89
CA TYR A 820 5.16 -30.20 6.55
C TYR A 820 6.11 -30.91 5.60
N VAL A 821 7.43 -30.73 5.78
CA VAL A 821 8.40 -31.40 4.91
C VAL A 821 8.30 -32.91 5.07
N ILE A 822 8.29 -33.38 6.32
CA ILE A 822 8.19 -34.82 6.57
C ILE A 822 6.83 -35.35 6.15
N GLY A 823 5.77 -34.56 6.39
CA GLY A 823 4.46 -34.94 5.90
C GLY A 823 4.46 -35.13 4.39
N ALA A 824 5.17 -34.27 3.68
CA ALA A 824 5.18 -34.36 2.22
C ALA A 824 6.01 -35.55 1.76
N VAL A 825 7.12 -35.84 2.44
CA VAL A 825 7.93 -36.99 2.06
C VAL A 825 7.13 -38.29 2.22
N LEU A 826 6.40 -38.42 3.34
CA LEU A 826 5.58 -39.61 3.52
C LEU A 826 4.41 -39.65 2.54
N LEU A 827 3.75 -38.52 2.32
CA LEU A 827 2.63 -38.46 1.39
C LEU A 827 3.07 -38.75 -0.03
N CYS A 828 4.29 -38.38 -0.40
CA CYS A 828 4.79 -38.69 -1.73
C CYS A 828 5.24 -40.15 -1.83
N PHE A 829 5.69 -40.74 -0.71
CA PHE A 829 5.85 -42.18 -0.69
C PHE A 829 4.52 -42.87 -1.00
N VAL A 830 3.42 -42.35 -0.46
CA VAL A 830 2.11 -42.93 -0.77
C VAL A 830 1.70 -42.64 -2.22
N LEU A 831 1.94 -41.40 -2.67
CA LEU A 831 1.61 -41.03 -4.05
C LEU A 831 2.42 -41.82 -5.06
N TYR A 832 3.55 -42.37 -4.64
CA TYR A 832 4.25 -43.33 -5.48
C TYR A 832 3.74 -44.75 -5.28
N GLY A 833 3.31 -45.10 -4.07
CA GLY A 833 2.74 -46.42 -3.87
C GLY A 833 1.52 -46.67 -4.74
N ILE A 834 0.73 -45.61 -5.00
CA ILE A 834 -0.43 -45.74 -5.87
C ILE A 834 -0.03 -46.16 -7.29
N THR A 835 1.23 -45.91 -7.67
CA THR A 835 1.70 -46.31 -8.99
C THR A 835 1.81 -47.82 -9.13
N VAL A 836 2.19 -48.51 -8.05
CA VAL A 836 2.42 -49.96 -8.08
C VAL A 836 1.14 -50.76 -7.91
N LEU A 837 0.00 -50.11 -7.66
CA LEU A 837 -1.27 -50.81 -7.58
C LEU A 837 -1.54 -51.58 -8.86
N PRO A 838 -2.12 -52.77 -8.79
CA PRO A 838 -2.36 -53.56 -10.00
C PRO A 838 -3.33 -52.92 -10.97
N GLY A 839 -4.18 -51.98 -10.51
CA GLY A 839 -5.10 -51.31 -11.40
C GLY A 839 -4.46 -50.13 -12.13
N ALA A 840 -3.60 -49.41 -11.42
CA ALA A 840 -2.89 -48.27 -11.98
C ALA A 840 -1.45 -48.59 -12.33
N ARG A 841 -1.12 -49.88 -12.49
CA ARG A 841 0.22 -50.26 -12.91
C ARG A 841 0.44 -50.08 -14.40
N GLU A 842 -0.61 -50.28 -15.20
CA GLU A 842 -0.50 -50.17 -16.65
C GLU A 842 -0.73 -48.76 -17.16
N ILE A 843 -1.37 -47.90 -16.36
CA ILE A 843 -1.57 -46.50 -16.77
C ILE A 843 -0.34 -45.65 -16.48
N PHE A 844 0.67 -46.21 -15.83
CA PHE A 844 1.95 -45.54 -15.61
C PHE A 844 3.08 -46.18 -16.40
N SER A 845 2.76 -47.11 -17.29
CA SER A 845 3.73 -47.81 -18.14
C SER A 845 4.72 -48.66 -17.33
N ILE A 846 4.32 -49.09 -16.13
CA ILE A 846 5.13 -50.01 -15.33
C ILE A 846 4.79 -51.42 -15.78
N PRO A 847 5.79 -52.25 -16.11
CA PRO A 847 5.50 -53.58 -16.65
C PRO A 847 4.92 -54.51 -15.59
N ALA A 848 4.37 -55.63 -16.08
CA ALA A 848 3.84 -56.65 -15.21
C ALA A 848 4.92 -57.51 -14.57
N SER A 849 6.15 -57.42 -15.05
CA SER A 849 7.27 -58.16 -14.48
C SER A 849 8.04 -57.35 -13.45
N PHE A 850 7.61 -56.12 -13.17
CA PHE A 850 8.25 -55.31 -12.14
C PHE A 850 8.10 -55.97 -10.78
N GLY A 851 9.22 -56.36 -10.18
CA GLY A 851 9.25 -56.99 -8.89
C GLY A 851 9.87 -56.08 -7.84
N LEU A 852 10.06 -56.65 -6.65
CA LEU A 852 10.60 -55.86 -5.55
C LEU A 852 12.11 -55.69 -5.65
N HIS A 853 12.81 -56.63 -6.31
CA HIS A 853 14.25 -56.48 -6.44
C HIS A 853 14.63 -55.32 -7.36
N GLU A 854 13.92 -55.19 -8.48
CA GLU A 854 14.11 -54.05 -9.36
C GLU A 854 13.84 -52.74 -8.63
N TRP A 855 12.79 -52.72 -7.79
CA TRP A 855 12.51 -51.54 -6.98
C TRP A 855 13.63 -51.28 -5.99
N SER A 856 14.18 -52.34 -5.38
CA SER A 856 15.31 -52.19 -4.48
C SER A 856 16.45 -51.45 -5.17
N ILE A 857 16.74 -51.83 -6.42
CA ILE A 857 17.84 -51.20 -7.15
C ILE A 857 17.54 -49.72 -7.40
N ALA A 858 16.38 -49.44 -8.00
CA ALA A 858 16.05 -48.07 -8.38
C ALA A 858 15.93 -47.15 -7.16
N ALA A 859 15.31 -47.64 -6.10
CA ALA A 859 15.15 -46.84 -4.89
C ALA A 859 16.48 -46.60 -4.20
N GLY A 860 17.38 -47.60 -4.20
CA GLY A 860 18.73 -47.37 -3.71
C GLY A 860 19.41 -46.26 -4.47
N LEU A 861 19.18 -46.19 -5.79
CA LEU A 861 19.79 -45.13 -6.58
C LEU A 861 19.24 -43.75 -6.19
N ALA A 862 17.92 -43.63 -6.07
CA ALA A 862 17.34 -42.33 -5.69
C ALA A 862 17.80 -41.90 -4.30
N LEU A 863 17.79 -42.84 -3.35
CA LEU A 863 18.30 -42.59 -2.01
C LEU A 863 19.74 -42.08 -2.07
N ALA A 864 20.61 -42.80 -2.78
CA ALA A 864 22.00 -42.40 -2.90
C ALA A 864 22.16 -41.06 -3.60
N ALA A 865 21.21 -40.71 -4.48
CA ALA A 865 21.25 -39.40 -5.11
C ALA A 865 21.07 -38.28 -4.08
N VAL A 866 20.05 -38.40 -3.23
CA VAL A 866 19.88 -37.35 -2.22
C VAL A 866 21.02 -37.40 -1.19
N VAL A 867 21.58 -38.59 -0.95
CA VAL A 867 22.77 -38.71 -0.11
C VAL A 867 23.91 -37.87 -0.70
N MET A 868 24.11 -38.02 -2.01
CA MET A 868 25.09 -37.21 -2.73
C MET A 868 24.83 -35.73 -2.49
N MET A 869 23.59 -35.31 -2.65
CA MET A 869 23.26 -33.89 -2.47
C MET A 869 23.69 -33.42 -1.08
N GLU A 870 23.35 -34.20 -0.05
CA GLU A 870 23.63 -33.76 1.31
C GLU A 870 25.13 -33.68 1.58
N ILE A 871 25.91 -34.63 1.06
CA ILE A 871 27.36 -34.51 1.25
C ILE A 871 27.93 -33.36 0.43
N ILE A 872 27.33 -33.08 -0.74
CA ILE A 872 27.81 -32.00 -1.60
C ILE A 872 27.62 -30.65 -0.92
N LYS A 873 26.50 -30.47 -0.22
CA LYS A 873 26.20 -29.15 0.35
C LYS A 873 27.31 -28.62 1.25
N VAL A 874 28.03 -29.52 1.94
CA VAL A 874 29.07 -29.10 2.88
C VAL A 874 30.43 -28.91 2.22
N VAL A 875 30.55 -29.20 0.93
CA VAL A 875 31.87 -29.32 0.33
C VAL A 875 32.63 -28.00 0.33
N GLN A 876 31.94 -26.86 0.23
CA GLN A 876 32.62 -25.61 -0.10
C GLN A 876 32.21 -24.46 0.80
N ASN A 877 33.01 -23.39 0.73
CA ASN A 877 32.79 -22.14 1.45
C ASN A 877 31.93 -21.16 0.67
N LYS A 878 31.27 -21.62 -0.39
CA LYS A 878 30.55 -20.75 -1.31
C LYS A 878 29.12 -20.57 -0.80
N PHE A 879 28.23 -20.09 -1.67
CA PHE A 879 26.80 -20.01 -1.44
C PHE A 879 26.47 -18.87 -0.46
N PHE A 880 27.50 -18.26 0.12
CA PHE A 880 27.33 -17.17 1.06
C PHE A 880 27.41 -15.85 0.29
N LYS A 881 26.38 -15.01 0.46
CA LYS A 881 26.32 -13.74 -0.24
C LYS A 881 26.65 -12.58 0.69
MG MG B . -3.63 11.88 5.91
BE BEF C . -1.52 13.30 4.82
F1 BEF C . -2.77 13.37 5.74
F2 BEF C . -1.82 13.79 3.37
F3 BEF C . -0.40 14.20 5.38
#